data_6ZO3
#
_entry.id   6ZO3
#
_cell.length_a   131.463
_cell.length_b   131.463
_cell.length_c   189.067
_cell.angle_alpha   90.000
_cell.angle_beta   90.000
_cell.angle_gamma   120.000
#
_symmetry.space_group_name_H-M   'P 63 2 2'
#
loop_
_entity.id
_entity.type
_entity.pdbx_description
1 polymer 'Urease subunit gamma'
2 polymer 'Urease subunit beta'
3 polymer 'Urease subunit alpha'
4 non-polymer 1,2-ETHANEDIOL
5 non-polymer 'SULFATE ION'
6 non-polymer 'NICKEL (II) ION'
7 non-polymer 'HYDROXIDE ION'
8 water water
#
loop_
_entity_poly.entity_id
_entity_poly.type
_entity_poly.pdbx_seq_one_letter_code
_entity_poly.pdbx_strand_id
1 'polypeptide(L)'
;(CXM)HLNPAEKEKLQIFLASELALKRKARGLKLNYPEAVAIITSFIMEGARDGKTVAMLMEEGKHVLTRDDVMEGVPEM
IDDIQAEATFPDGTKLVTVHNPIS
;
AAA
2 'polypeptide(L)'
;NYIVPGEYRVAEGEIEINAGREKTTIRVSNTGDRPIQVGSHIHFVEVNKELLFDRAEGIGRRLNIPSGTAARFEPGEEME
VELTELGGNREVFGISDLTNGSVDNKELILQRAKELGYKGVE
;
BBB
3 'polypeptide(L)'
;MKINRQQYAESYGPTVGDQVRLADTDLWIEVEKDYTTYGDEANFGGGKVLREGMGENGTYTRTENVLDLLLTNALILDYT
GIYKADIGVKDGYIVGIGKGGNPDIMDGVTPNMIVGTATEVIAAEGKIVTAGGIDTHVHFINPDQVDVALANGITTLFGG
GTGPAEGSKATTVTPGPWNIEKMLKSTEGLPINVGILGKGHGSSIAPIMEQIDAGAAGL(KCX)IHEDWGATPASIDRSL
TVADEADVQVAIHSDTLNEAGFLEDTLRAINGRVIHSFHVEGAGGGHAPDIMAMAGHPNVLPSSTNPTRPFTVNTIDEHL
DMLMV(QNT)HHLKQNIPEDVAFADSRIRPETIAAEDILHDLGIISMMSTDALAMGRAGEMVLRTWQTADKMKKQRGPLA
EEKNGSDNFRAKRYVSKYTINPAIAQGIAHEVGSIEEGKFADLVLWEPKFFGVKADRVIKGGIIAYAQIGDPSASIPTPQ
PVMGRRMYGTVGDLIHDTNITFMSKSSIQQGVPAKLGLKRRIGTVKNCRNIGKKDMKWNDVTTDIDINPETYEVKVDGEV
LTCEPVKELPMAQRYFLF
;
CCC
#
loop_
_chem_comp.id
_chem_comp.type
_chem_comp.name
_chem_comp.formula
EDO non-polymer 1,2-ETHANEDIOL 'C2 H6 O2'
NI non-polymer 'NICKEL (II) ION' 'Ni 2'
OH non-polymer 'HYDROXIDE ION' 'H O -1'
SO4 non-polymer 'SULFATE ION' 'O4 S -2'
#
# COMPACT_ATOMS: atom_id res chain seq x y z
N CXM A 1 37.91 4.27 15.35
CA CXM A 1 37.55 3.16 14.44
CB CXM A 1 36.27 2.40 14.88
CG CXM A 1 36.44 1.49 16.11
SD CXM A 1 34.89 0.68 16.50
CE CXM A 1 33.94 2.04 17.18
C CXM A 1 37.36 3.68 13.02
O CXM A 1 37.58 2.97 12.05
CN CXM A 1 39.00 5.06 15.10
ON1 CXM A 1 39.36 5.92 16.03
ON2 CXM A 1 39.67 5.01 14.08
N HIS A 2 36.85 4.93 12.94
CA HIS A 2 36.54 5.62 11.70
C HIS A 2 35.41 4.89 10.97
N LEU A 3 34.35 4.56 11.66
CA LEU A 3 33.22 3.86 10.97
C LEU A 3 32.55 4.77 9.93
N ASN A 4 32.35 4.24 8.75
CA ASN A 4 31.56 4.89 7.68
C ASN A 4 30.13 4.41 7.81
N PRO A 5 29.21 5.00 7.04
CA PRO A 5 27.82 4.60 7.17
C PRO A 5 27.55 3.09 6.99
N ALA A 6 28.15 2.47 5.99
CA ALA A 6 27.91 1.04 5.71
C ALA A 6 28.43 0.17 6.87
N GLU A 7 29.57 0.50 7.42
CA GLU A 7 30.15 -0.30 8.52
C GLU A 7 29.16 -0.26 9.69
N LYS A 8 28.59 0.92 9.97
CA LYS A 8 27.61 1.02 11.06
C LYS A 8 26.38 0.18 10.78
N GLU A 9 25.83 0.23 9.56
CA GLU A 9 24.63 -0.54 9.23
C GLU A 9 24.91 -2.03 9.31
N LYS A 10 26.06 -2.47 8.77
CA LYS A 10 26.33 -3.89 8.61
C LYS A 10 26.62 -4.54 9.98
N LEU A 11 26.97 -3.76 11.01
CA LEU A 11 27.03 -4.32 12.39
C LEU A 11 25.69 -4.90 12.77
N GLN A 12 24.58 -4.28 12.32
N GLN A 12 24.57 -4.34 12.32
CA GLN A 12 23.19 -4.74 12.60
CA GLN A 12 23.24 -4.83 12.77
C GLN A 12 22.98 -6.14 12.06
C GLN A 12 22.86 -6.10 11.98
N ILE A 13 23.52 -6.42 10.87
CA ILE A 13 23.31 -7.74 10.22
C ILE A 13 23.99 -8.81 11.10
N PHE A 14 25.23 -8.56 11.51
CA PHE A 14 25.96 -9.49 12.40
C PHE A 14 25.10 -9.74 13.65
N LEU A 15 24.59 -8.65 14.22
CA LEU A 15 23.79 -8.76 15.47
C LEU A 15 22.54 -9.62 15.22
N ALA A 16 21.83 -9.37 14.13
CA ALA A 16 20.59 -10.11 13.83
C ALA A 16 20.95 -11.59 13.61
N SER A 17 22.08 -11.86 12.97
CA SER A 17 22.57 -13.24 12.76
C SER A 17 22.86 -13.92 14.11
N GLU A 18 23.52 -13.21 15.03
CA GLU A 18 23.76 -13.80 16.37
C GLU A 18 22.44 -14.14 17.06
N LEU A 19 21.46 -13.25 16.98
CA LEU A 19 20.13 -13.47 17.57
C LEU A 19 19.51 -14.72 16.96
N ALA A 20 19.52 -14.78 15.64
CA ALA A 20 18.89 -15.90 14.90
C ALA A 20 19.61 -17.21 15.26
N LEU A 21 20.94 -17.20 15.34
CA LEU A 21 21.70 -18.42 15.67
C LEU A 21 21.33 -18.89 17.07
N LYS A 22 21.11 -17.99 18.03
CA LYS A 22 20.66 -18.40 19.37
C LYS A 22 19.28 -19.05 19.31
N ARG A 23 18.39 -18.49 18.50
CA ARG A 23 17.04 -19.05 18.33
C ARG A 23 17.14 -20.45 17.71
N LYS A 24 17.99 -20.64 16.70
CA LYS A 24 18.14 -21.95 16.05
C LYS A 24 18.71 -22.95 17.08
N ALA A 25 19.64 -22.51 17.92
CA ALA A 25 20.34 -23.39 18.91
C ALA A 25 19.34 -23.88 19.95
N ARG A 26 18.33 -23.11 20.30
CA ARG A 26 17.34 -23.62 21.28
C ARG A 26 16.18 -24.34 20.57
N GLY A 27 16.29 -24.64 19.28
CA GLY A 27 15.40 -25.59 18.60
C GLY A 27 14.32 -24.94 17.78
N LEU A 28 14.35 -23.61 17.54
CA LEU A 28 13.25 -22.99 16.78
C LEU A 28 13.47 -23.16 15.28
N LYS A 29 12.40 -23.38 14.52
CA LYS A 29 12.43 -23.20 13.07
C LYS A 29 12.50 -21.69 12.80
N LEU A 30 13.43 -21.27 11.97
CA LEU A 30 13.70 -19.84 11.76
C LEU A 30 12.72 -19.25 10.75
N ASN A 31 12.49 -17.95 10.91
CA ASN A 31 11.57 -17.18 10.05
C ASN A 31 12.37 -16.43 8.96
N TYR A 32 11.66 -15.63 8.17
CA TYR A 32 12.23 -14.99 6.98
C TYR A 32 13.39 -14.07 7.37
N PRO A 33 13.22 -13.06 8.26
CA PRO A 33 14.36 -12.19 8.53
C PRO A 33 15.53 -12.90 9.23
N GLU A 34 15.22 -13.89 10.07
CA GLU A 34 16.27 -14.69 10.75
C GLU A 34 17.15 -15.39 9.71
N ALA A 35 16.50 -16.07 8.78
CA ALA A 35 17.20 -16.85 7.75
C ALA A 35 18.05 -15.92 6.91
N VAL A 36 17.48 -14.79 6.51
CA VAL A 36 18.22 -13.83 5.67
C VAL A 36 19.45 -13.35 6.45
N ALA A 37 19.25 -12.99 7.72
CA ALA A 37 20.36 -12.48 8.53
C ALA A 37 21.48 -13.50 8.61
N ILE A 38 21.16 -14.76 8.88
CA ILE A 38 22.22 -15.79 9.07
C ILE A 38 23.03 -15.90 7.78
N ILE A 39 22.35 -16.01 6.64
CA ILE A 39 23.07 -16.25 5.35
C ILE A 39 23.86 -14.99 5.01
N THR A 40 23.30 -13.80 5.25
CA THR A 40 23.99 -12.54 4.94
C THR A 40 25.28 -12.41 5.74
N SER A 41 25.19 -12.64 7.04
CA SER A 41 26.37 -12.54 7.94
C SER A 41 27.40 -13.58 7.51
N PHE A 42 26.96 -14.79 7.15
CA PHE A 42 27.87 -15.85 6.65
C PHE A 42 28.68 -15.29 5.47
N ILE A 43 28.02 -14.62 4.52
CA ILE A 43 28.70 -14.09 3.30
C ILE A 43 29.73 -13.06 3.74
N MET A 44 29.32 -12.12 4.58
CA MET A 44 30.23 -11.02 4.97
C MET A 44 31.44 -11.58 5.74
N GLU A 45 31.24 -12.52 6.66
CA GLU A 45 32.35 -13.18 7.39
C GLU A 45 33.23 -13.99 6.43
N GLY A 46 32.63 -14.60 5.40
CA GLY A 46 33.42 -15.34 4.41
C GLY A 46 34.34 -14.44 3.60
N ALA A 47 33.86 -13.24 3.26
CA ALA A 47 34.71 -12.25 2.57
C ALA A 47 35.87 -11.90 3.50
N ARG A 48 35.55 -11.63 4.77
CA ARG A 48 36.57 -11.24 5.76
C ARG A 48 37.63 -12.35 5.87
N ASP A 49 37.20 -13.61 5.75
CA ASP A 49 38.09 -14.80 5.80
C ASP A 49 38.95 -14.89 4.55
N GLY A 50 38.60 -14.19 3.46
CA GLY A 50 39.38 -14.22 2.22
C GLY A 50 38.92 -15.26 1.22
N LYS A 51 37.72 -15.79 1.40
CA LYS A 51 37.10 -16.63 0.36
C LYS A 51 36.83 -15.82 -0.90
N THR A 52 36.63 -16.51 -2.02
CA THR A 52 36.29 -15.87 -3.30
C THR A 52 34.78 -15.70 -3.38
N VAL A 53 34.35 -14.80 -4.29
CA VAL A 53 32.92 -14.61 -4.59
C VAL A 53 32.36 -15.98 -5.02
N ALA A 54 33.05 -16.71 -5.88
CA ALA A 54 32.57 -18.03 -6.39
C ALA A 54 32.39 -19.03 -5.22
N MET A 55 33.31 -19.07 -4.27
CA MET A 55 33.19 -19.99 -3.10
C MET A 55 31.92 -19.63 -2.33
N LEU A 56 31.61 -18.35 -2.20
CA LEU A 56 30.49 -17.93 -1.32
C LEU A 56 29.18 -18.15 -2.05
N MET A 57 29.17 -18.03 -3.37
CA MET A 57 27.97 -18.33 -4.17
C MET A 57 27.60 -19.80 -3.96
N GLU A 58 28.60 -20.66 -3.82
CA GLU A 58 28.38 -22.11 -3.59
C GLU A 58 27.97 -22.35 -2.13
N GLU A 59 28.77 -21.87 -1.20
CA GLU A 59 28.59 -22.19 0.23
C GLU A 59 27.25 -21.64 0.71
N GLY A 60 26.84 -20.49 0.18
CA GLY A 60 25.63 -19.82 0.72
C GLY A 60 24.39 -20.65 0.48
N LYS A 61 24.45 -21.64 -0.44
CA LYS A 61 23.30 -22.54 -0.70
C LYS A 61 23.23 -23.69 0.31
N HIS A 62 24.17 -23.77 1.27
CA HIS A 62 24.25 -24.93 2.20
C HIS A 62 24.30 -24.47 3.65
N VAL A 63 23.99 -23.23 3.94
CA VAL A 63 24.05 -22.68 5.31
C VAL A 63 22.79 -23.10 6.09
N LEU A 64 21.63 -22.98 5.49
CA LEU A 64 20.35 -23.42 6.07
C LEU A 64 19.64 -24.29 5.05
N THR A 65 18.97 -25.33 5.53
CA THR A 65 18.13 -26.21 4.70
C THR A 65 16.68 -26.00 5.09
N ARG A 66 15.79 -26.60 4.32
N ARG A 66 15.71 -26.56 4.36
CA ARG A 66 14.33 -26.46 4.43
CA ARG A 66 14.29 -26.25 4.64
C ARG A 66 13.86 -26.76 5.87
C ARG A 66 13.87 -26.79 6.02
N ASP A 67 14.46 -27.76 6.53
N ASP A 67 14.52 -27.84 6.54
CA ASP A 67 14.07 -28.23 7.88
CA ASP A 67 14.22 -28.33 7.91
C ASP A 67 14.63 -27.29 8.98
C ASP A 67 14.51 -27.22 8.93
N ASP A 68 15.44 -26.30 8.63
CA ASP A 68 15.88 -25.26 9.58
C ASP A 68 14.86 -24.12 9.67
N VAL A 69 13.92 -24.02 8.72
CA VAL A 69 13.08 -22.80 8.61
C VAL A 69 11.60 -23.18 8.57
N MET A 70 10.77 -22.17 8.81
CA MET A 70 9.30 -22.36 8.83
CA MET A 70 9.29 -22.30 8.81
C MET A 70 8.80 -22.63 7.39
N GLU A 71 7.62 -23.21 7.32
CA GLU A 71 6.92 -23.45 6.06
C GLU A 71 6.89 -22.15 5.24
N GLY A 72 7.20 -22.24 3.94
CA GLY A 72 7.12 -21.11 3.01
C GLY A 72 8.38 -20.27 2.98
N VAL A 73 9.23 -20.31 4.01
CA VAL A 73 10.45 -19.44 4.03
C VAL A 73 11.36 -19.77 2.85
N PRO A 74 11.59 -21.04 2.46
CA PRO A 74 12.47 -21.30 1.33
C PRO A 74 11.97 -20.59 0.06
N GLU A 75 10.65 -20.57 -0.13
CA GLU A 75 10.04 -20.03 -1.35
C GLU A 75 9.94 -18.50 -1.28
N MET A 76 10.04 -17.89 -0.10
CA MET A 76 10.08 -16.44 0.08
C MET A 76 11.43 -15.86 -0.28
N ILE A 77 12.50 -16.64 -0.20
CA ILE A 77 13.89 -16.15 -0.39
C ILE A 77 14.35 -16.58 -1.79
N ASP A 78 14.26 -15.67 -2.76
CA ASP A 78 14.75 -15.96 -4.14
C ASP A 78 16.25 -15.77 -4.20
N ASP A 79 16.79 -14.81 -3.46
N ASP A 79 16.76 -14.73 -3.53
CA ASP A 79 18.26 -14.61 -3.43
CA ASP A 79 18.19 -14.31 -3.62
C ASP A 79 18.61 -13.61 -2.35
C ASP A 79 18.55 -13.70 -2.26
N ILE A 80 19.81 -13.78 -1.86
CA ILE A 80 20.36 -12.96 -0.76
C ILE A 80 21.59 -12.32 -1.35
N GLN A 81 21.69 -11.01 -1.16
CA GLN A 81 22.83 -10.24 -1.71
CA GLN A 81 22.83 -10.24 -1.71
C GLN A 81 23.56 -9.52 -0.57
N ALA A 82 24.88 -9.49 -0.66
CA ALA A 82 25.70 -8.78 0.32
C ALA A 82 26.92 -8.23 -0.38
N GLU A 83 27.36 -7.06 0.05
CA GLU A 83 28.65 -6.50 -0.35
C GLU A 83 29.52 -6.47 0.87
N ALA A 84 30.75 -6.90 0.67
CA ALA A 84 31.75 -6.93 1.72
C ALA A 84 33.11 -6.67 1.12
N THR A 85 34.06 -6.34 2.00
CA THR A 85 35.44 -6.07 1.61
C THR A 85 36.17 -7.42 1.54
N PHE A 86 36.49 -7.85 0.33
CA PHE A 86 37.34 -9.01 0.04
C PHE A 86 38.78 -8.52 0.08
N PRO A 87 39.77 -9.42 0.05
CA PRO A 87 41.16 -8.99 -0.05
C PRO A 87 41.40 -8.03 -1.24
N ASP A 88 40.61 -8.20 -2.30
CA ASP A 88 40.68 -7.36 -3.53
C ASP A 88 39.57 -6.29 -3.54
N GLY A 89 39.11 -5.82 -2.37
CA GLY A 89 38.16 -4.69 -2.31
C GLY A 89 36.71 -5.15 -2.21
N THR A 90 35.77 -4.20 -2.24
CA THR A 90 34.34 -4.52 -2.11
C THR A 90 33.91 -5.34 -3.32
N LYS A 91 33.19 -6.40 -3.08
CA LYS A 91 32.50 -7.16 -4.15
C LYS A 91 31.10 -7.52 -3.71
N LEU A 92 30.23 -7.72 -4.69
CA LEU A 92 28.83 -8.15 -4.53
C LEU A 92 28.78 -9.66 -4.64
N VAL A 93 28.14 -10.29 -3.65
CA VAL A 93 27.80 -11.72 -3.69
C VAL A 93 26.30 -11.86 -3.81
N THR A 94 25.81 -12.60 -4.79
CA THR A 94 24.40 -13.01 -4.80
C THR A 94 24.30 -14.52 -4.63
N VAL A 95 23.57 -14.95 -3.61
CA VAL A 95 23.30 -16.37 -3.40
C VAL A 95 21.89 -16.60 -3.92
N HIS A 96 21.79 -17.48 -4.91
N HIS A 96 21.73 -17.36 -5.01
CA HIS A 96 20.54 -17.81 -5.62
CA HIS A 96 20.39 -17.66 -5.58
C HIS A 96 19.81 -18.95 -4.89
C HIS A 96 19.81 -18.88 -4.87
N ASN A 97 18.50 -18.82 -4.58
CA ASN A 97 17.73 -19.91 -3.98
C ASN A 97 18.56 -20.57 -2.90
N PRO A 98 18.93 -19.81 -1.84
CA PRO A 98 19.85 -20.33 -0.83
C PRO A 98 19.34 -21.53 -0.03
N ILE A 99 18.03 -21.64 0.09
CA ILE A 99 17.37 -22.70 0.92
C ILE A 99 16.43 -23.47 0.00
N SER A 100 16.80 -24.95 -0.41
CA SER A 100 15.88 -25.52 -1.49
C SER A 100 14.61 -26.12 -0.88
N ASN B 1 -1.94 -28.11 0.66
CA ASN B 1 -2.17 -27.01 1.59
C ASN B 1 -0.84 -26.42 2.15
N TYR B 2 0.35 -26.81 1.67
CA TYR B 2 1.61 -26.04 1.90
C TYR B 2 1.38 -24.60 1.41
N ILE B 3 1.70 -23.61 2.23
CA ILE B 3 1.47 -22.17 1.89
C ILE B 3 2.76 -21.57 1.36
N VAL B 4 2.75 -21.12 0.10
CA VAL B 4 3.84 -20.26 -0.41
C VAL B 4 3.31 -18.83 -0.31
N PRO B 5 3.82 -17.99 0.60
CA PRO B 5 3.25 -16.64 0.74
C PRO B 5 3.25 -15.89 -0.61
N GLY B 6 2.11 -15.25 -0.91
CA GLY B 6 1.95 -14.43 -2.12
C GLY B 6 1.94 -15.21 -3.43
N GLU B 7 1.77 -16.53 -3.37
CA GLU B 7 1.79 -17.33 -4.60
C GLU B 7 0.60 -17.01 -5.49
N TYR B 8 0.81 -17.21 -6.78
CA TYR B 8 -0.25 -17.16 -7.81
C TYR B 8 -0.93 -18.52 -7.94
N ARG B 9 -2.21 -18.48 -8.29
CA ARG B 9 -2.99 -19.62 -8.85
C ARG B 9 -3.53 -19.09 -10.17
N VAL B 10 -2.78 -19.25 -11.24
CA VAL B 10 -3.19 -18.69 -12.55
C VAL B 10 -4.34 -19.50 -13.11
N ALA B 11 -5.16 -18.85 -13.93
CA ALA B 11 -6.30 -19.51 -14.58
C ALA B 11 -5.75 -20.44 -15.67
N GLU B 12 -6.63 -21.25 -16.23
CA GLU B 12 -6.33 -22.11 -17.41
C GLU B 12 -6.27 -21.25 -18.65
N GLY B 13 -5.50 -21.68 -19.62
CA GLY B 13 -5.61 -21.09 -20.94
C GLY B 13 -4.29 -20.47 -21.32
N GLU B 14 -4.28 -19.73 -22.41
CA GLU B 14 -3.09 -19.08 -22.95
C GLU B 14 -3.47 -17.68 -23.43
N ILE B 15 -2.50 -16.81 -23.47
CA ILE B 15 -2.72 -15.42 -23.89
C ILE B 15 -2.18 -15.29 -25.29
N GLU B 16 -3.04 -14.91 -26.21
CA GLU B 16 -2.65 -14.62 -27.60
C GLU B 16 -2.22 -13.16 -27.70
N ILE B 17 -0.97 -12.90 -28.08
CA ILE B 17 -0.48 -11.50 -28.25
C ILE B 17 -0.80 -10.98 -29.65
N ASN B 18 -1.06 -9.69 -29.76
CA ASN B 18 -1.20 -9.01 -31.06
C ASN B 18 -2.33 -9.71 -31.84
N ALA B 19 -3.43 -10.04 -31.17
CA ALA B 19 -4.51 -10.83 -31.79
C ALA B 19 -5.16 -10.00 -32.90
N GLY B 20 -5.49 -10.65 -34.02
CA GLY B 20 -6.22 -9.98 -35.10
C GLY B 20 -5.32 -9.17 -36.02
N ARG B 21 -4.01 -9.04 -35.76
CA ARG B 21 -3.12 -8.27 -36.64
C ARG B 21 -2.45 -9.23 -37.64
N GLU B 22 -2.24 -8.74 -38.85
CA GLU B 22 -1.55 -9.50 -39.92
C GLU B 22 -0.17 -9.89 -39.42
N LYS B 23 0.26 -11.13 -39.68
CA LYS B 23 1.63 -11.61 -39.37
C LYS B 23 2.42 -11.79 -40.67
N THR B 24 3.73 -11.55 -40.65
CA THR B 24 4.59 -11.65 -41.84
C THR B 24 5.88 -12.31 -41.40
N THR B 25 6.30 -13.38 -42.08
CA THR B 25 7.61 -14.00 -41.80
C THR B 25 8.62 -13.52 -42.83
N ILE B 26 9.79 -13.06 -42.42
CA ILE B 26 10.90 -12.65 -43.32
C ILE B 26 12.23 -13.19 -42.80
N ARG B 27 13.18 -13.33 -43.71
CA ARG B 27 14.57 -13.74 -43.41
CA ARG B 27 14.56 -13.74 -43.36
C ARG B 27 15.37 -12.47 -43.16
N VAL B 28 16.22 -12.49 -42.14
CA VAL B 28 17.04 -11.33 -41.75
C VAL B 28 18.43 -11.84 -41.47
N SER B 29 19.44 -11.12 -41.97
N SER B 29 19.47 -11.20 -42.02
CA SER B 29 20.85 -11.48 -41.86
CA SER B 29 20.87 -11.62 -41.75
C SER B 29 21.65 -10.38 -41.16
C SER B 29 21.66 -10.44 -41.19
N ASN B 30 22.40 -10.71 -40.12
CA ASN B 30 23.38 -9.77 -39.52
C ASN B 30 24.65 -9.88 -40.35
N THR B 31 24.82 -8.95 -41.27
CA THR B 31 26.04 -8.86 -42.12
C THR B 31 27.20 -8.21 -41.38
N GLY B 32 27.01 -7.76 -40.17
CA GLY B 32 28.10 -7.14 -39.38
C GLY B 32 28.87 -8.15 -38.56
N ASP B 33 29.89 -7.69 -37.85
CA ASP B 33 30.81 -8.57 -37.09
C ASP B 33 30.56 -8.43 -35.57
N ARG B 34 29.47 -7.75 -35.20
CA ARG B 34 29.09 -7.57 -33.79
C ARG B 34 27.64 -7.95 -33.64
N PRO B 35 27.23 -8.42 -32.45
CA PRO B 35 25.87 -8.88 -32.26
C PRO B 35 24.85 -7.74 -32.26
N ILE B 36 23.67 -8.06 -32.74
CA ILE B 36 22.52 -7.10 -32.82
C ILE B 36 21.33 -7.76 -32.15
N GLN B 37 20.76 -7.08 -31.17
CA GLN B 37 19.53 -7.54 -30.51
C GLN B 37 18.45 -6.48 -30.75
N VAL B 38 17.26 -6.93 -31.11
CA VAL B 38 16.16 -6.05 -31.59
C VAL B 38 14.94 -6.22 -30.69
N GLY B 39 14.50 -5.12 -30.08
CA GLY B 39 13.35 -5.16 -29.18
C GLY B 39 12.02 -5.33 -29.87
N SER B 40 11.02 -5.74 -29.10
CA SER B 40 9.67 -6.07 -29.58
C SER B 40 9.01 -4.88 -30.29
N HIS B 41 9.31 -3.61 -29.91
CA HIS B 41 8.48 -2.46 -30.36
C HIS B 41 9.23 -1.45 -31.21
N ILE B 42 10.43 -1.77 -31.70
CA ILE B 42 11.10 -0.89 -32.69
C ILE B 42 10.51 -1.11 -34.09
N HIS B 43 10.18 -0.01 -34.74
CA HIS B 43 9.72 0.00 -36.15
C HIS B 43 10.77 -0.77 -36.95
N PHE B 44 10.39 -1.88 -37.55
CA PHE B 44 11.40 -2.87 -37.96
C PHE B 44 12.25 -2.33 -39.11
N VAL B 45 11.68 -1.50 -39.97
CA VAL B 45 12.48 -0.94 -41.08
C VAL B 45 13.60 -0.06 -40.54
N GLU B 46 13.55 0.38 -39.29
CA GLU B 46 14.57 1.35 -38.80
C GLU B 46 15.70 0.69 -38.01
N VAL B 47 15.80 -0.64 -38.01
CA VAL B 47 16.88 -1.34 -37.30
C VAL B 47 18.19 -1.10 -38.02
N ASN B 48 19.26 -1.40 -37.29
CA ASN B 48 20.67 -1.36 -37.69
C ASN B 48 20.83 -1.59 -39.21
N LYS B 49 21.53 -0.66 -39.88
CA LYS B 49 21.81 -0.70 -41.34
C LYS B 49 22.36 -2.06 -41.77
N GLU B 50 23.16 -2.73 -40.93
N GLU B 50 23.13 -2.74 -40.93
CA GLU B 50 23.90 -3.96 -41.35
CA GLU B 50 23.90 -3.93 -41.36
C GLU B 50 23.00 -5.19 -41.30
C GLU B 50 23.05 -5.20 -41.22
N LEU B 51 21.78 -5.08 -40.77
CA LEU B 51 20.79 -6.16 -40.92
C LEU B 51 20.28 -6.11 -42.35
N LEU B 52 20.45 -7.20 -43.08
CA LEU B 52 19.99 -7.33 -44.47
C LEU B 52 18.69 -8.10 -44.50
N PHE B 53 17.66 -7.46 -45.03
CA PHE B 53 16.33 -8.04 -45.27
C PHE B 53 15.59 -7.13 -46.24
N ASP B 54 14.43 -7.58 -46.70
CA ASP B 54 13.58 -6.78 -47.59
C ASP B 54 12.99 -5.63 -46.76
N ARG B 55 13.63 -4.47 -46.80
CA ARG B 55 13.31 -3.33 -45.91
C ARG B 55 11.84 -2.97 -46.06
N ALA B 56 11.29 -3.04 -47.27
CA ALA B 56 9.87 -2.74 -47.50
C ALA B 56 8.97 -3.58 -46.56
N GLU B 57 9.36 -4.79 -46.21
CA GLU B 57 8.51 -5.71 -45.40
C GLU B 57 8.60 -5.36 -43.91
N GLY B 58 9.49 -4.46 -43.53
CA GLY B 58 9.59 -3.96 -42.15
C GLY B 58 8.75 -2.73 -41.91
N ILE B 59 8.20 -2.11 -42.96
CA ILE B 59 7.50 -0.81 -42.83
C ILE B 59 6.15 -1.04 -42.16
N GLY B 60 5.86 -0.26 -41.12
CA GLY B 60 4.59 -0.38 -40.42
C GLY B 60 4.50 -1.63 -39.57
N ARG B 61 5.64 -2.24 -39.22
CA ARG B 61 5.67 -3.52 -38.50
C ARG B 61 6.73 -3.51 -37.39
N ARG B 62 6.61 -4.51 -36.53
CA ARG B 62 7.56 -4.75 -35.44
C ARG B 62 7.57 -6.27 -35.23
N LEU B 63 8.47 -6.74 -34.37
CA LEU B 63 8.52 -8.19 -34.08
C LEU B 63 7.26 -8.65 -33.36
N ASN B 64 6.75 -9.82 -33.79
CA ASN B 64 5.62 -10.50 -33.14
C ASN B 64 6.14 -11.36 -31.99
N ILE B 65 6.66 -10.71 -30.95
CA ILE B 65 7.24 -11.41 -29.77
C ILE B 65 6.65 -10.73 -28.54
N PRO B 66 6.67 -11.42 -27.40
CA PRO B 66 6.10 -10.82 -26.18
C PRO B 66 6.71 -9.43 -25.93
N SER B 67 5.82 -8.54 -25.51
CA SER B 67 6.20 -7.17 -25.12
C SER B 67 7.40 -7.23 -24.19
N GLY B 68 8.44 -6.48 -24.53
CA GLY B 68 9.62 -6.36 -23.67
C GLY B 68 10.70 -7.39 -23.95
N THR B 69 10.49 -8.28 -24.89
CA THR B 69 11.52 -9.27 -25.29
C THR B 69 12.22 -8.77 -26.55
N ALA B 70 13.22 -9.52 -27.01
CA ALA B 70 14.08 -9.09 -28.11
C ALA B 70 14.53 -10.30 -28.90
N ALA B 71 14.81 -10.13 -30.18
CA ALA B 71 15.40 -11.17 -31.04
C ALA B 71 16.90 -10.91 -31.15
N ARG B 72 17.74 -11.94 -31.05
CA ARG B 72 19.21 -11.75 -31.09
C ARG B 72 19.78 -12.30 -32.41
N PHE B 73 20.64 -11.54 -33.08
CA PHE B 73 21.41 -11.96 -34.27
C PHE B 73 22.91 -11.90 -33.95
N GLU B 74 23.55 -13.06 -33.81
CA GLU B 74 25.00 -13.14 -33.65
C GLU B 74 25.63 -12.65 -34.95
N PRO B 75 26.91 -12.25 -34.90
CA PRO B 75 27.60 -11.84 -36.12
C PRO B 75 27.48 -12.92 -37.21
N GLY B 76 27.06 -12.51 -38.40
CA GLY B 76 26.88 -13.39 -39.56
C GLY B 76 25.64 -14.27 -39.50
N GLU B 77 24.81 -14.17 -38.48
CA GLU B 77 23.64 -15.09 -38.35
C GLU B 77 22.48 -14.62 -39.22
N GLU B 78 21.90 -15.53 -39.97
CA GLU B 78 20.66 -15.30 -40.77
C GLU B 78 19.57 -16.16 -40.16
N MET B 79 18.39 -15.61 -39.92
CA MET B 79 17.27 -16.42 -39.41
C MET B 79 15.95 -15.79 -39.80
N GLU B 80 14.88 -16.55 -39.71
CA GLU B 80 13.54 -16.00 -39.97
C GLU B 80 13.01 -15.38 -38.68
N VAL B 81 12.29 -14.28 -38.84
CA VAL B 81 11.52 -13.69 -37.71
C VAL B 81 10.08 -13.49 -38.19
N GLU B 82 9.16 -13.44 -37.22
CA GLU B 82 7.76 -13.13 -37.54
C GLU B 82 7.48 -11.70 -37.06
N LEU B 83 6.91 -10.90 -37.96
CA LEU B 83 6.51 -9.49 -37.67
C LEU B 83 5.00 -9.42 -37.49
N THR B 84 4.57 -8.44 -36.71
CA THR B 84 3.16 -8.07 -36.63
C THR B 84 3.04 -6.58 -37.03
N GLU B 85 1.83 -6.12 -37.21
CA GLU B 85 1.53 -4.72 -37.59
C GLU B 85 1.61 -3.78 -36.37
N LEU B 86 2.19 -2.61 -36.57
CA LEU B 86 2.03 -1.50 -35.62
C LEU B 86 0.54 -1.19 -35.51
N GLY B 87 0.13 -0.68 -34.37
CA GLY B 87 -1.26 -0.26 -34.12
C GLY B 87 -1.33 1.23 -33.85
N GLY B 88 -2.33 1.63 -33.08
CA GLY B 88 -2.65 3.03 -32.81
C GLY B 88 -2.79 3.82 -34.10
N ASN B 89 -2.14 4.96 -34.15
CA ASN B 89 -2.22 5.88 -35.32
C ASN B 89 -1.36 5.36 -36.48
N ARG B 90 -0.55 4.31 -36.27
CA ARG B 90 0.42 3.82 -37.29
C ARG B 90 1.24 4.99 -37.81
N GLU B 91 1.88 5.66 -36.86
CA GLU B 91 2.86 6.72 -37.15
C GLU B 91 4.13 6.39 -36.38
N VAL B 92 5.25 6.75 -36.96
CA VAL B 92 6.56 6.59 -36.27
C VAL B 92 7.32 7.89 -36.39
N PHE B 93 7.87 8.34 -35.25
CA PHE B 93 8.73 9.53 -35.20
C PHE B 93 10.04 9.13 -34.57
N GLY B 94 11.11 9.75 -35.01
CA GLY B 94 12.42 9.57 -34.39
C GLY B 94 12.97 8.18 -34.71
N ILE B 95 13.59 7.57 -33.72
CA ILE B 95 14.37 6.29 -33.89
C ILE B 95 15.51 6.56 -34.86
N SER B 96 15.39 6.17 -36.13
CA SER B 96 16.47 6.38 -37.12
C SER B 96 16.10 7.53 -38.06
N ASP B 97 14.97 8.20 -37.80
CA ASP B 97 14.50 9.35 -38.63
C ASP B 97 14.20 8.88 -40.06
N LEU B 98 13.72 7.65 -40.25
CA LEU B 98 13.36 7.18 -41.60
C LEU B 98 11.90 7.48 -41.90
N THR B 99 11.05 7.69 -40.90
CA THR B 99 9.58 7.74 -41.09
C THR B 99 9.07 9.16 -40.76
N ASN B 100 9.14 9.55 -39.50
CA ASN B 100 8.69 10.89 -39.04
C ASN B 100 7.32 11.22 -39.64
N GLY B 101 6.36 10.32 -39.44
CA GLY B 101 4.97 10.50 -39.88
C GLY B 101 4.30 9.18 -40.11
N SER B 102 3.33 9.16 -41.02
CA SER B 102 2.59 7.93 -41.32
C SER B 102 3.55 6.85 -41.83
N VAL B 103 3.31 5.59 -41.44
CA VAL B 103 4.04 4.42 -42.03
C VAL B 103 3.50 4.12 -43.44
N ASP B 104 2.43 4.78 -43.86
CA ASP B 104 1.88 4.58 -45.23
C ASP B 104 2.81 5.17 -46.30
N ASN B 105 3.76 6.04 -45.95
CA ASN B 105 4.66 6.73 -46.92
C ASN B 105 5.84 5.83 -47.30
N LYS B 106 5.56 4.68 -47.89
CA LYS B 106 6.57 3.62 -48.14
C LYS B 106 7.69 4.14 -49.05
N GLU B 107 7.29 4.88 -50.07
N GLU B 107 7.39 4.84 -50.15
CA GLU B 107 8.18 5.41 -51.11
CA GLU B 107 8.49 5.27 -51.08
C GLU B 107 9.26 6.24 -50.39
C GLU B 107 9.37 6.29 -50.37
N LEU B 108 8.81 7.17 -49.55
CA LEU B 108 9.66 8.14 -48.82
C LEU B 108 10.56 7.41 -47.81
N ILE B 109 9.99 6.50 -47.04
CA ILE B 109 10.79 5.72 -46.06
C ILE B 109 11.92 5.00 -46.80
N LEU B 110 11.59 4.28 -47.88
CA LEU B 110 12.61 3.49 -48.61
C LEU B 110 13.66 4.41 -49.25
N GLN B 111 13.24 5.58 -49.76
CA GLN B 111 14.21 6.53 -50.36
C GLN B 111 15.23 6.94 -49.27
N ARG B 112 14.73 7.26 -48.07
CA ARG B 112 15.64 7.70 -46.98
C ARG B 112 16.56 6.53 -46.56
N ALA B 113 15.98 5.33 -46.46
CA ALA B 113 16.70 4.10 -46.07
C ALA B 113 17.83 3.83 -47.07
N LYS B 114 17.51 3.95 -48.34
CA LYS B 114 18.51 3.69 -49.41
C LYS B 114 19.62 4.74 -49.36
N GLU B 115 19.29 6.01 -49.22
CA GLU B 115 20.28 7.11 -49.22
C GLU B 115 21.25 6.93 -48.04
N LEU B 116 20.76 6.43 -46.91
CA LEU B 116 21.59 6.28 -45.67
C LEU B 116 22.25 4.90 -45.56
N GLY B 117 22.02 4.00 -46.49
CA GLY B 117 22.76 2.71 -46.53
C GLY B 117 22.16 1.66 -45.62
N TYR B 118 20.85 1.70 -45.33
CA TYR B 118 20.11 0.60 -44.66
C TYR B 118 20.02 -0.52 -45.67
N LYS B 119 20.63 -1.67 -45.39
CA LYS B 119 20.73 -2.76 -46.38
C LYS B 119 19.38 -3.36 -46.69
N GLY B 120 19.14 -3.66 -47.96
CA GLY B 120 17.99 -4.45 -48.41
C GLY B 120 16.87 -3.63 -49.04
N VAL B 121 17.12 -2.39 -49.45
CA VAL B 121 16.12 -1.61 -50.22
C VAL B 121 16.22 -2.02 -51.69
N GLU B 122 15.14 -2.49 -52.30
CA GLU B 122 15.23 -3.14 -53.65
C GLU B 122 15.50 -2.06 -54.72
N MET C 1 1.06 -16.07 -31.95
CA MET C 1 1.91 -16.52 -30.84
C MET C 1 1.13 -16.42 -29.53
N LYS C 2 1.21 -17.45 -28.68
CA LYS C 2 0.50 -17.50 -27.40
C LYS C 2 1.52 -17.75 -26.30
N ILE C 3 1.25 -17.19 -25.12
CA ILE C 3 2.07 -17.26 -23.89
C ILE C 3 1.23 -18.04 -22.90
N ASN C 4 1.79 -19.05 -22.23
CA ASN C 4 1.00 -19.75 -21.20
C ASN C 4 0.81 -18.76 -20.04
N ARG C 5 -0.22 -19.02 -19.25
N ARG C 5 -0.23 -18.97 -19.26
CA ARG C 5 -0.68 -18.10 -18.19
CA ARG C 5 -0.60 -17.98 -18.21
C ARG C 5 0.38 -17.96 -17.08
C ARG C 5 0.48 -17.91 -17.12
N GLN C 6 1.14 -19.03 -16.79
CA GLN C 6 2.15 -18.97 -15.72
C GLN C 6 3.25 -18.00 -16.15
N GLN C 7 3.74 -18.16 -17.36
CA GLN C 7 4.81 -17.30 -17.89
C GLN C 7 4.26 -15.86 -18.02
N TYR C 8 3.01 -15.69 -18.46
CA TYR C 8 2.42 -14.35 -18.67
C TYR C 8 2.46 -13.65 -17.29
N ALA C 9 1.98 -14.32 -16.25
CA ALA C 9 1.85 -13.70 -14.92
C ALA C 9 3.23 -13.40 -14.36
N GLU C 10 4.21 -14.29 -14.60
CA GLU C 10 5.59 -14.03 -14.13
C GLU C 10 6.18 -12.78 -14.78
N SER C 11 5.88 -12.50 -16.03
CA SER C 11 6.46 -11.38 -16.80
C SER C 11 5.71 -10.05 -16.56
N TYR C 12 4.37 -10.06 -16.52
CA TYR C 12 3.55 -8.83 -16.54
C TYR C 12 2.66 -8.68 -15.30
N GLY C 13 2.76 -9.62 -14.36
CA GLY C 13 1.79 -9.74 -13.28
C GLY C 13 0.54 -10.45 -13.79
N PRO C 14 -0.38 -10.80 -12.90
CA PRO C 14 -1.53 -11.63 -13.24
C PRO C 14 -2.54 -10.90 -14.14
N THR C 15 -3.34 -11.68 -14.86
CA THR C 15 -4.42 -11.14 -15.70
C THR C 15 -5.74 -11.84 -15.36
N VAL C 16 -6.75 -11.56 -16.17
CA VAL C 16 -8.15 -11.84 -15.81
C VAL C 16 -8.32 -13.30 -15.41
N GLY C 17 -8.91 -13.52 -14.24
CA GLY C 17 -9.18 -14.86 -13.71
C GLY C 17 -8.06 -15.44 -12.87
N ASP C 18 -6.86 -14.90 -12.95
CA ASP C 18 -5.73 -15.36 -12.12
C ASP C 18 -5.97 -14.93 -10.65
N GLN C 19 -5.51 -15.73 -9.71
CA GLN C 19 -5.62 -15.45 -8.26
C GLN C 19 -4.24 -15.29 -7.64
N VAL C 20 -4.22 -14.50 -6.57
CA VAL C 20 -2.97 -14.20 -5.82
C VAL C 20 -3.29 -14.38 -4.33
N ARG C 21 -2.44 -15.12 -3.62
CA ARG C 21 -2.58 -15.27 -2.16
C ARG C 21 -2.12 -13.98 -1.47
N LEU C 22 -2.86 -13.50 -0.50
CA LEU C 22 -2.42 -12.31 0.29
C LEU C 22 -1.49 -12.78 1.42
N ALA C 23 -0.19 -12.51 1.30
CA ALA C 23 0.81 -12.90 2.31
C ALA C 23 0.66 -14.39 2.57
N ASP C 24 0.67 -14.81 3.81
CA ASP C 24 0.59 -16.24 4.19
C ASP C 24 -0.80 -16.51 4.77
N THR C 25 -1.76 -15.66 4.43
CA THR C 25 -3.17 -15.93 4.76
C THR C 25 -3.75 -16.97 3.79
N ASP C 26 -5.00 -17.32 4.07
N ASP C 26 -4.98 -17.43 4.04
CA ASP C 26 -5.85 -18.19 3.22
CA ASP C 26 -5.75 -18.23 3.02
C ASP C 26 -6.61 -17.36 2.16
C ASP C 26 -6.75 -17.32 2.28
N LEU C 27 -6.42 -16.04 2.11
CA LEU C 27 -7.27 -15.14 1.29
C LEU C 27 -6.69 -15.04 -0.11
N TRP C 28 -7.56 -15.24 -1.12
CA TRP C 28 -7.17 -15.15 -2.54
C TRP C 28 -7.93 -14.02 -3.20
N ILE C 29 -7.21 -13.15 -3.89
CA ILE C 29 -7.86 -12.13 -4.75
C ILE C 29 -7.75 -12.54 -6.20
N GLU C 30 -8.80 -12.27 -6.95
CA GLU C 30 -8.89 -12.64 -8.38
C GLU C 30 -8.93 -11.36 -9.23
N VAL C 31 -8.14 -11.31 -10.29
CA VAL C 31 -8.18 -10.20 -11.27
C VAL C 31 -9.54 -10.18 -11.97
N GLU C 32 -10.32 -9.12 -11.78
CA GLU C 32 -11.70 -9.03 -12.32
C GLU C 32 -11.70 -8.61 -13.79
N LYS C 33 -10.79 -7.73 -14.17
CA LYS C 33 -10.66 -7.20 -15.54
C LYS C 33 -9.25 -6.66 -15.71
N ASP C 34 -8.90 -6.40 -16.94
CA ASP C 34 -7.54 -5.96 -17.29
C ASP C 34 -7.65 -4.96 -18.42
N TYR C 35 -7.07 -3.78 -18.25
CA TYR C 35 -7.16 -2.65 -19.20
C TYR C 35 -6.13 -2.80 -20.33
N THR C 36 -5.27 -3.82 -20.30
CA THR C 36 -4.15 -3.90 -21.28
C THR C 36 -4.68 -4.28 -22.67
N THR C 37 -3.79 -4.20 -23.64
CA THR C 37 -3.94 -4.82 -24.97
C THR C 37 -2.83 -5.86 -25.04
N TYR C 38 -3.17 -7.14 -25.09
CA TYR C 38 -2.16 -8.22 -25.02
C TYR C 38 -1.16 -8.08 -26.17
N GLY C 39 0.11 -7.96 -25.82
CA GLY C 39 1.19 -7.71 -26.78
C GLY C 39 1.71 -6.28 -26.73
N ASP C 40 0.93 -5.36 -26.17
CA ASP C 40 1.33 -3.92 -26.07
C ASP C 40 1.47 -3.53 -24.60
N GLU C 41 1.67 -4.50 -23.70
CA GLU C 41 1.95 -4.18 -22.28
C GLU C 41 3.09 -3.19 -22.21
N ALA C 42 2.98 -2.21 -21.30
CA ALA C 42 4.12 -1.32 -21.03
C ALA C 42 5.13 -2.00 -20.13
N ASN C 43 6.41 -1.71 -20.32
CA ASN C 43 7.48 -2.17 -19.40
C ASN C 43 8.68 -1.31 -19.69
N PHE C 44 9.60 -1.25 -18.74
CA PHE C 44 10.78 -0.37 -18.82
C PHE C 44 12.04 -1.17 -18.56
N GLY C 45 13.07 -0.90 -19.34
CA GLY C 45 14.40 -1.50 -19.20
C GLY C 45 15.10 -1.65 -20.54
N GLY C 46 16.22 -2.38 -20.54
CA GLY C 46 17.02 -2.63 -21.75
C GLY C 46 16.21 -3.42 -22.76
N GLY C 47 16.13 -2.91 -23.96
CA GLY C 47 15.34 -3.48 -25.06
C GLY C 47 13.86 -3.63 -24.76
N LYS C 48 13.34 -2.90 -23.76
N LYS C 48 13.32 -2.85 -23.82
CA LYS C 48 11.91 -2.98 -23.35
CA LYS C 48 11.89 -2.98 -23.46
C LYS C 48 11.07 -1.96 -24.16
C LYS C 48 11.06 -1.90 -24.16
N VAL C 49 9.79 -1.83 -23.84
CA VAL C 49 8.80 -1.15 -24.71
C VAL C 49 8.88 0.36 -24.52
N LEU C 50 9.16 0.87 -23.31
CA LEU C 50 9.07 2.34 -23.06
C LEU C 50 10.39 2.99 -23.43
N ARG C 51 10.57 3.12 -24.74
CA ARG C 51 11.74 3.72 -25.38
C ARG C 51 11.24 4.63 -26.51
N GLU C 52 12.02 5.67 -26.76
CA GLU C 52 11.68 6.77 -27.66
C GLU C 52 11.34 6.21 -29.06
N GLY C 53 10.18 6.62 -29.60
CA GLY C 53 9.66 6.21 -30.92
C GLY C 53 8.93 4.90 -30.84
N MET C 54 8.93 4.27 -29.68
CA MET C 54 8.29 2.96 -29.47
C MET C 54 7.16 3.15 -28.47
N GLY C 55 7.21 2.55 -27.29
CA GLY C 55 6.17 2.77 -26.25
C GLY C 55 6.29 4.14 -25.57
N GLU C 56 7.43 4.83 -25.73
CA GLU C 56 7.60 6.24 -25.32
C GLU C 56 7.45 7.14 -26.53
N ASN C 57 6.49 8.05 -26.44
CA ASN C 57 6.26 9.11 -27.45
C ASN C 57 7.39 10.15 -27.37
N GLY C 58 8.00 10.49 -28.50
CA GLY C 58 9.10 11.47 -28.57
C GLY C 58 8.65 12.87 -29.04
N THR C 59 7.35 13.08 -29.22
CA THR C 59 6.79 14.30 -29.85
C THR C 59 6.25 15.26 -28.80
N TYR C 60 5.48 14.78 -27.83
CA TYR C 60 4.58 15.63 -27.02
C TYR C 60 5.31 16.23 -25.83
N THR C 61 5.07 17.54 -25.64
CA THR C 61 5.51 18.20 -24.40
C THR C 61 4.71 17.71 -23.20
N ARG C 62 5.19 18.02 -22.01
CA ARG C 62 4.52 17.51 -20.79
C ARG C 62 3.04 17.85 -20.75
N THR C 63 2.66 19.06 -21.17
CA THR C 63 1.25 19.52 -21.06
CA THR C 63 1.25 19.52 -21.02
C THR C 63 0.33 18.71 -21.97
N GLU C 64 0.88 18.13 -23.02
CA GLU C 64 0.16 17.46 -24.13
CA GLU C 64 0.00 17.49 -24.02
C GLU C 64 -0.10 15.97 -23.76
N ASN C 65 -0.89 15.67 -22.74
CA ASN C 65 -1.39 14.31 -22.43
C ASN C 65 -0.26 13.39 -21.97
N VAL C 66 0.86 13.97 -21.55
CA VAL C 66 2.04 13.20 -21.08
C VAL C 66 1.98 13.11 -19.56
N LEU C 67 2.40 11.97 -19.03
CA LEU C 67 2.40 11.71 -17.57
C LEU C 67 3.73 12.14 -16.93
N ASP C 68 3.68 12.52 -15.65
CA ASP C 68 4.92 12.60 -14.85
C ASP C 68 5.42 11.22 -14.42
N LEU C 69 4.50 10.27 -14.22
CA LEU C 69 4.81 8.94 -13.65
C LEU C 69 3.82 7.94 -14.18
N LEU C 70 4.31 6.78 -14.64
CA LEU C 70 3.46 5.63 -14.99
C LEU C 70 3.87 4.47 -14.10
N LEU C 71 2.92 3.93 -13.36
CA LEU C 71 3.07 2.64 -12.65
C LEU C 71 2.59 1.61 -13.65
N THR C 72 3.48 0.76 -14.14
CA THR C 72 3.11 -0.27 -15.15
C THR C 72 2.54 -1.54 -14.51
N ASN C 73 1.47 -2.08 -15.08
CA ASN C 73 1.01 -3.46 -14.78
C ASN C 73 0.67 -3.63 -13.29
N ALA C 74 -0.08 -2.70 -12.70
CA ALA C 74 -0.49 -2.78 -11.28
C ALA C 74 -1.69 -3.71 -11.10
N LEU C 75 -1.65 -4.52 -10.05
CA LEU C 75 -2.84 -5.22 -9.54
C LEU C 75 -3.42 -4.36 -8.45
N ILE C 76 -4.47 -3.65 -8.79
CA ILE C 76 -5.15 -2.69 -7.90
C ILE C 76 -6.11 -3.47 -7.02
N LEU C 77 -6.02 -3.23 -5.72
CA LEU C 77 -6.99 -3.72 -4.73
C LEU C 77 -7.58 -2.49 -4.06
N ASP C 78 -8.87 -2.25 -4.30
CA ASP C 78 -9.55 -1.00 -3.91
C ASP C 78 -11.03 -1.26 -3.75
N TYR C 79 -11.75 -0.37 -3.08
CA TYR C 79 -13.20 -0.57 -2.92
C TYR C 79 -13.85 -0.59 -4.30
N THR C 80 -13.24 0.05 -5.29
CA THR C 80 -13.80 0.18 -6.64
C THR C 80 -13.57 -1.08 -7.49
N GLY C 81 -12.71 -2.00 -7.04
CA GLY C 81 -12.47 -3.22 -7.82
C GLY C 81 -11.09 -3.79 -7.55
N ILE C 82 -10.91 -5.00 -8.03
CA ILE C 82 -9.63 -5.74 -7.97
C ILE C 82 -9.31 -6.04 -9.42
N TYR C 83 -8.38 -5.31 -10.00
CA TYR C 83 -8.23 -5.35 -11.46
C TYR C 83 -6.82 -4.90 -11.83
N LYS C 84 -6.47 -5.17 -13.07
CA LYS C 84 -5.13 -4.93 -13.60
C LYS C 84 -5.17 -3.68 -14.45
N ALA C 85 -4.27 -2.72 -14.22
CA ALA C 85 -4.19 -1.51 -15.01
C ALA C 85 -2.84 -0.85 -14.83
N ASP C 86 -2.52 0.02 -15.75
CA ASP C 86 -1.47 1.05 -15.59
C ASP C 86 -2.06 2.24 -14.84
N ILE C 87 -1.26 2.86 -13.99
CA ILE C 87 -1.73 4.05 -13.23
C ILE C 87 -0.87 5.25 -13.63
N GLY C 88 -1.53 6.29 -14.12
CA GLY C 88 -0.83 7.52 -14.53
C GLY C 88 -1.01 8.63 -13.54
N VAL C 89 0.08 9.29 -13.20
CA VAL C 89 0.14 10.37 -12.21
C VAL C 89 0.71 11.60 -12.90
N LYS C 90 0.12 12.74 -12.54
CA LYS C 90 0.57 14.04 -13.05
C LYS C 90 0.21 15.12 -12.02
N ASP C 91 1.14 16.05 -11.80
CA ASP C 91 0.95 17.14 -10.81
C ASP C 91 0.64 16.54 -9.44
N GLY C 92 1.14 15.34 -9.11
CA GLY C 92 0.92 14.74 -7.77
C GLY C 92 -0.39 14.00 -7.63
N TYR C 93 -1.21 13.95 -8.67
CA TYR C 93 -2.57 13.36 -8.62
C TYR C 93 -2.63 12.20 -9.61
N ILE C 94 -3.51 11.27 -9.30
CA ILE C 94 -3.87 10.18 -10.24
C ILE C 94 -4.70 10.81 -11.34
N VAL C 95 -4.21 10.78 -12.57
CA VAL C 95 -4.96 11.40 -13.71
C VAL C 95 -5.52 10.34 -14.65
N GLY C 96 -4.99 9.13 -14.62
CA GLY C 96 -5.47 8.09 -15.52
C GLY C 96 -5.29 6.72 -14.90
N ILE C 97 -6.28 5.86 -15.05
CA ILE C 97 -6.19 4.43 -14.72
C ILE C 97 -6.60 3.72 -16.01
N GLY C 98 -5.70 2.97 -16.60
CA GLY C 98 -6.04 2.36 -17.90
C GLY C 98 -4.81 1.77 -18.52
N LYS C 99 -4.42 2.29 -19.68
CA LYS C 99 -3.33 1.70 -20.47
C LYS C 99 -2.41 2.83 -20.90
N GLY C 100 -1.15 2.79 -20.49
CA GLY C 100 -0.17 3.81 -20.83
C GLY C 100 0.72 3.40 -21.98
N GLY C 101 1.31 4.37 -22.65
CA GLY C 101 2.30 4.10 -23.69
C GLY C 101 2.23 5.17 -24.74
N ASN C 102 2.21 4.76 -25.99
CA ASN C 102 2.41 5.67 -27.13
C ASN C 102 1.35 5.41 -28.18
N PRO C 103 0.40 6.35 -28.38
CA PRO C 103 -0.65 6.15 -29.38
C PRO C 103 -0.10 6.08 -30.81
N ASP C 104 1.15 6.48 -31.03
CA ASP C 104 1.80 6.38 -32.36
C ASP C 104 1.65 4.93 -32.86
N ILE C 105 1.94 3.96 -32.00
CA ILE C 105 2.14 2.55 -32.43
C ILE C 105 1.36 1.53 -31.63
N MET C 106 0.76 1.90 -30.50
CA MET C 106 0.07 0.95 -29.61
C MET C 106 -1.44 1.11 -29.73
N ASP C 107 -2.14 -0.02 -29.65
CA ASP C 107 -3.60 0.01 -29.54
C ASP C 107 -3.99 0.26 -28.08
N GLY C 108 -5.13 0.88 -27.89
CA GLY C 108 -5.83 0.91 -26.59
C GLY C 108 -5.20 1.88 -25.61
N VAL C 109 -4.39 2.84 -26.04
CA VAL C 109 -3.72 3.76 -25.07
C VAL C 109 -4.77 4.76 -24.55
N THR C 110 -4.90 4.86 -23.26
CA THR C 110 -5.78 5.85 -22.61
C THR C 110 -5.27 7.23 -22.99
N PRO C 111 -6.11 8.13 -23.54
CA PRO C 111 -5.56 9.31 -24.22
C PRO C 111 -4.68 10.25 -23.39
N ASN C 112 -4.90 10.34 -22.08
CA ASN C 112 -4.04 11.21 -21.22
C ASN C 112 -2.96 10.37 -20.50
N MET C 113 -2.63 9.18 -20.99
CA MET C 113 -1.62 8.33 -20.35
C MET C 113 -0.47 8.10 -21.33
N ILE C 114 0.00 9.18 -21.94
CA ILE C 114 1.16 9.08 -22.84
C ILE C 114 2.42 9.04 -22.01
N VAL C 115 3.27 8.05 -22.27
CA VAL C 115 4.66 8.04 -21.79
C VAL C 115 5.47 8.92 -22.71
N GLY C 116 6.04 10.00 -22.18
CA GLY C 116 6.80 10.95 -22.99
C GLY C 116 8.14 11.24 -22.33
N THR C 117 8.81 12.24 -22.84
CA THR C 117 10.13 12.64 -22.31
C THR C 117 9.98 12.90 -20.80
N ALA C 118 8.85 13.47 -20.39
CA ALA C 118 8.63 13.92 -18.99
C ALA C 118 8.30 12.77 -18.02
N THR C 119 8.18 11.53 -18.47
CA THR C 119 7.59 10.45 -17.66
C THR C 119 8.65 9.59 -16.95
N GLU C 120 8.51 9.48 -15.64
CA GLU C 120 9.20 8.48 -14.78
C GLU C 120 8.41 7.18 -14.82
N VAL C 121 9.09 6.07 -14.59
CA VAL C 121 8.41 4.75 -14.59
C VAL C 121 8.68 4.02 -13.28
N ILE C 122 7.60 3.48 -12.69
CA ILE C 122 7.65 2.48 -11.60
C ILE C 122 7.05 1.19 -12.15
N ALA C 123 7.83 0.11 -12.07
CA ALA C 123 7.33 -1.21 -12.51
C ALA C 123 6.45 -1.79 -11.40
N ALA C 124 5.16 -1.95 -11.64
CA ALA C 124 4.29 -2.56 -10.63
C ALA C 124 3.94 -4.01 -11.01
N GLU C 125 4.42 -4.55 -12.14
CA GLU C 125 4.19 -5.98 -12.49
C GLU C 125 4.55 -6.87 -11.30
N GLY C 126 3.60 -7.67 -10.86
CA GLY C 126 3.79 -8.62 -9.75
C GLY C 126 3.59 -7.96 -8.42
N LYS C 127 3.21 -6.68 -8.41
CA LYS C 127 2.86 -6.00 -7.17
C LYS C 127 1.37 -5.81 -7.05
N ILE C 128 0.93 -5.78 -5.80
CA ILE C 128 -0.43 -5.28 -5.43
C ILE C 128 -0.29 -3.81 -5.08
N VAL C 129 -1.16 -2.98 -5.65
CA VAL C 129 -1.17 -1.53 -5.35
C VAL C 129 -2.47 -1.18 -4.66
N THR C 130 -2.37 -0.53 -3.52
CA THR C 130 -3.53 0.00 -2.81
C THR C 130 -3.37 1.50 -2.61
N ALA C 131 -4.49 2.10 -2.24
CA ALA C 131 -4.49 3.46 -1.65
C ALA C 131 -3.67 3.41 -0.34
N GLY C 132 -3.06 4.55 -0.01
CA GLY C 132 -2.49 4.73 1.33
C GLY C 132 -3.55 4.59 2.40
N GLY C 133 -3.18 4.01 3.52
CA GLY C 133 -4.10 3.89 4.65
C GLY C 133 -4.40 5.22 5.33
N ILE C 134 -5.63 5.35 5.79
CA ILE C 134 -6.15 6.56 6.44
C ILE C 134 -6.43 6.20 7.87
N ASP C 135 -5.54 6.59 8.78
CA ASP C 135 -5.67 6.33 10.22
C ASP C 135 -6.30 7.56 10.87
N THR C 136 -7.50 7.42 11.43
CA THR C 136 -8.32 8.54 11.98
C THR C 136 -8.31 8.48 13.50
N HIS C 137 -7.50 7.61 14.10
CA HIS C 137 -7.37 7.59 15.58
C HIS C 137 -5.92 7.62 16.01
N VAL C 138 -5.26 8.75 15.74
CA VAL C 138 -3.81 8.89 16.01
C VAL C 138 -3.60 9.81 17.21
N HIS C 139 -2.84 9.34 18.20
CA HIS C 139 -2.33 10.20 19.28
C HIS C 139 -0.93 10.66 18.84
N PHE C 140 -0.72 11.96 18.72
CA PHE C 140 0.62 12.52 18.38
C PHE C 140 1.42 12.57 19.66
N ILE C 141 2.17 11.49 19.92
CA ILE C 141 2.88 11.30 21.20
C ILE C 141 4.38 11.27 20.97
N ASN C 142 4.83 10.62 19.91
CA ASN C 142 6.28 10.35 19.69
C ASN C 142 6.51 10.43 18.19
N PRO C 143 7.27 11.41 17.68
CA PRO C 143 7.43 11.56 16.22
C PRO C 143 7.97 10.30 15.49
N ASP C 144 8.64 9.41 16.23
CA ASP C 144 9.15 8.12 15.70
C ASP C 144 7.95 7.26 15.22
N GLN C 145 6.73 7.60 15.61
CA GLN C 145 5.50 6.86 15.18
C GLN C 145 5.24 7.05 13.69
N VAL C 146 5.79 8.06 13.04
CA VAL C 146 5.44 8.30 11.61
C VAL C 146 6.06 7.19 10.75
N ASP C 147 7.34 6.90 10.91
CA ASP C 147 7.94 5.83 10.09
C ASP C 147 7.26 4.48 10.37
N VAL C 148 6.86 4.26 11.61
CA VAL C 148 6.15 3.01 11.99
C VAL C 148 4.92 2.90 11.08
N ALA C 149 4.16 3.98 10.98
CA ALA C 149 2.91 4.01 10.17
C ALA C 149 3.23 3.83 8.69
N LEU C 150 4.23 4.57 8.18
CA LEU C 150 4.57 4.46 6.73
C LEU C 150 5.00 3.01 6.38
N ALA C 151 5.71 2.33 7.26
CA ALA C 151 6.22 0.97 6.98
C ALA C 151 5.05 -0.01 6.77
N ASN C 152 3.89 0.23 7.37
CA ASN C 152 2.70 -0.63 7.19
C ASN C 152 1.70 0.03 6.24
N GLY C 153 2.13 0.96 5.39
CA GLY C 153 1.27 1.48 4.29
C GLY C 153 0.25 2.52 4.71
N ILE C 154 0.48 3.22 5.83
CA ILE C 154 -0.42 4.34 6.23
C ILE C 154 0.13 5.64 5.67
N THR C 155 -0.72 6.46 5.07
CA THR C 155 -0.28 7.75 4.46
C THR C 155 -0.98 9.00 5.03
N THR C 156 -2.02 8.83 5.86
CA THR C 156 -2.76 9.95 6.47
C THR C 156 -2.95 9.65 7.95
N LEU C 157 -2.55 10.60 8.81
CA LEU C 157 -2.79 10.52 10.26
C LEU C 157 -3.74 11.65 10.67
N PHE C 158 -4.92 11.27 11.16
CA PHE C 158 -5.92 12.18 11.74
C PHE C 158 -5.99 11.87 13.24
N GLY C 159 -5.90 12.90 14.04
CA GLY C 159 -5.90 12.75 15.51
C GLY C 159 -5.43 13.99 16.17
N GLY C 160 -4.82 13.84 17.33
CA GLY C 160 -4.41 15.02 18.10
C GLY C 160 -3.31 14.67 19.07
N GLY C 161 -2.67 15.71 19.59
CA GLY C 161 -1.71 15.60 20.67
C GLY C 161 -0.58 16.57 20.46
N THR C 162 0.15 16.80 21.54
CA THR C 162 1.26 17.76 21.59
C THR C 162 2.57 17.07 21.92
N GLY C 163 2.64 15.75 21.80
CA GLY C 163 3.74 14.95 22.33
C GLY C 163 3.31 14.29 23.64
N PRO C 164 4.25 13.80 24.44
CA PRO C 164 3.93 12.93 25.57
C PRO C 164 3.49 13.67 26.82
N ALA C 165 2.52 14.55 26.61
CA ALA C 165 1.74 15.19 27.69
C ALA C 165 0.59 14.25 28.06
N GLU C 166 0.20 14.20 29.32
CA GLU C 166 -0.87 13.27 29.75
C GLU C 166 -2.15 13.48 28.94
N GLY C 167 -2.56 14.73 28.64
CA GLY C 167 -3.79 14.91 27.87
C GLY C 167 -3.70 14.21 26.53
N SER C 168 -2.56 14.32 25.86
CA SER C 168 -2.29 13.70 24.55
C SER C 168 -2.09 12.18 24.65
N LYS C 169 -1.46 11.72 25.73
CA LYS C 169 -1.24 10.27 25.96
C LYS C 169 -2.59 9.59 26.14
N ALA C 170 -3.61 10.30 26.62
CA ALA C 170 -4.97 9.71 26.82
C ALA C 170 -5.90 9.97 25.63
N THR C 171 -5.80 11.13 24.98
CA THR C 171 -6.88 11.64 24.11
C THR C 171 -6.29 12.16 22.80
N THR C 172 -7.01 11.98 21.70
CA THR C 172 -6.60 12.50 20.38
C THR C 172 -6.98 13.99 20.29
N VAL C 173 -6.33 14.82 21.10
CA VAL C 173 -6.73 16.21 21.29
C VAL C 173 -5.49 17.10 21.24
N THR C 174 -5.55 18.11 20.36
CA THR C 174 -4.63 19.26 20.41
C THR C 174 -5.46 20.42 20.90
N PRO C 175 -5.35 20.84 22.17
CA PRO C 175 -6.32 21.76 22.72
C PRO C 175 -6.02 23.24 22.47
N GLY C 176 -7.03 23.95 21.99
CA GLY C 176 -7.00 25.42 21.94
C GLY C 176 -6.20 25.96 20.76
N PRO C 177 -6.41 27.25 20.45
CA PRO C 177 -5.73 27.88 19.32
C PRO C 177 -4.22 27.77 19.34
N TRP C 178 -3.59 27.95 20.50
CA TRP C 178 -2.12 28.01 20.52
C TRP C 178 -1.52 26.63 20.27
N ASN C 179 -2.00 25.59 20.96
CA ASN C 179 -1.46 24.23 20.75
C ASN C 179 -1.72 23.81 19.32
N ILE C 180 -2.88 24.17 18.78
CA ILE C 180 -3.19 23.84 17.35
C ILE C 180 -2.18 24.52 16.43
N GLU C 181 -1.91 25.81 16.63
CA GLU C 181 -0.96 26.52 15.76
C GLU C 181 0.42 25.83 15.88
N LYS C 182 0.86 25.54 17.10
CA LYS C 182 2.18 24.95 17.30
C LYS C 182 2.24 23.62 16.52
N MET C 183 1.19 22.79 16.62
CA MET C 183 1.25 21.46 15.99
C MET C 183 1.06 21.55 14.48
N LEU C 184 0.38 22.60 13.96
CA LEU C 184 0.36 22.81 12.48
C LEU C 184 1.79 23.11 12.01
N LYS C 185 2.54 23.89 12.79
N LYS C 185 2.55 23.87 12.81
CA LYS C 185 3.94 24.19 12.42
CA LYS C 185 3.96 24.23 12.45
C LYS C 185 4.79 22.92 12.51
C LYS C 185 4.88 23.01 12.60
N SER C 186 4.62 22.12 13.57
CA SER C 186 5.36 20.86 13.72
C SER C 186 5.09 19.99 12.49
N THR C 187 3.85 19.97 12.04
CA THR C 187 3.42 19.11 10.91
C THR C 187 4.21 19.42 9.64
N GLU C 188 4.74 20.63 9.47
CA GLU C 188 5.60 20.97 8.31
C GLU C 188 6.77 19.98 8.19
N GLY C 189 7.20 19.33 9.28
CA GLY C 189 8.34 18.38 9.22
C GLY C 189 7.92 16.92 9.27
N LEU C 190 6.64 16.57 9.23
CA LEU C 190 6.20 15.16 9.37
C LEU C 190 5.90 14.64 7.97
N PRO C 191 6.57 13.58 7.51
CA PRO C 191 6.37 13.12 6.14
C PRO C 191 5.18 12.19 5.96
N ILE C 192 4.01 12.74 6.24
CA ILE C 192 2.73 12.01 6.12
C ILE C 192 1.63 13.07 6.05
N ASN C 193 0.47 12.73 5.53
CA ASN C 193 -0.66 13.70 5.57
C ASN C 193 -1.15 13.78 7.03
N VAL C 194 -1.68 14.92 7.43
CA VAL C 194 -2.12 15.16 8.84
C VAL C 194 -3.39 15.98 8.88
N GLY C 195 -4.29 15.64 9.78
CA GLY C 195 -5.39 16.51 10.23
C GLY C 195 -5.46 16.49 11.74
N ILE C 196 -5.69 17.66 12.35
CA ILE C 196 -5.61 17.85 13.84
C ILE C 196 -7.01 18.01 14.42
N LEU C 197 -7.30 17.26 15.48
CA LEU C 197 -8.56 17.39 16.22
C LEU C 197 -8.39 18.29 17.44
N GLY C 198 -9.34 19.20 17.64
CA GLY C 198 -9.38 19.99 18.89
C GLY C 198 -10.18 19.31 19.96
N LYS C 199 -10.22 19.93 21.13
CA LYS C 199 -10.92 19.36 22.30
C LYS C 199 -12.42 19.59 22.10
N GLY C 200 -13.19 18.52 22.01
CA GLY C 200 -14.66 18.55 21.86
C GLY C 200 -15.37 18.69 23.20
N HIS C 201 -14.98 19.70 23.98
CA HIS C 201 -15.45 19.90 25.36
C HIS C 201 -15.69 21.36 25.65
N GLY C 202 -16.81 21.64 26.29
CA GLY C 202 -17.22 22.99 26.68
C GLY C 202 -18.72 23.07 26.80
N SER C 203 -19.19 24.12 27.45
CA SER C 203 -20.63 24.38 27.62
C SER C 203 -21.04 25.68 26.90
N SER C 204 -20.07 26.40 26.36
CA SER C 204 -20.24 27.59 25.50
C SER C 204 -19.64 27.24 24.15
N ILE C 205 -20.20 27.80 23.10
CA ILE C 205 -19.75 27.48 21.71
C ILE C 205 -18.35 28.05 21.47
N ALA C 206 -18.06 29.29 21.89
CA ALA C 206 -16.88 30.03 21.42
C ALA C 206 -15.57 29.31 21.78
N PRO C 207 -15.37 28.78 23.00
CA PRO C 207 -14.12 28.06 23.31
C PRO C 207 -13.87 26.86 22.40
N ILE C 208 -14.92 26.20 21.95
CA ILE C 208 -14.79 25.03 21.03
C ILE C 208 -14.54 25.53 19.61
N MET C 209 -15.40 26.40 19.12
CA MET C 209 -15.31 26.93 17.73
C MET C 209 -13.97 27.58 17.48
N GLU C 210 -13.35 28.29 18.43
CA GLU C 210 -12.09 29.01 18.12
C GLU C 210 -10.99 28.02 17.68
N GLN C 211 -11.11 26.76 18.11
CA GLN C 211 -10.15 25.70 17.70
C GLN C 211 -10.35 25.42 16.21
N ILE C 212 -11.57 25.37 15.73
CA ILE C 212 -11.84 25.13 14.29
C ILE C 212 -11.27 26.32 13.50
N ASP C 213 -11.54 27.53 13.93
CA ASP C 213 -11.04 28.74 13.21
C ASP C 213 -9.51 28.79 13.26
N ALA C 214 -8.89 28.21 14.29
CA ALA C 214 -7.41 28.20 14.44
C ALA C 214 -6.74 27.20 13.49
N GLY C 215 -7.48 26.26 12.94
CA GLY C 215 -6.91 25.31 11.97
C GLY C 215 -7.18 23.84 12.29
N ALA C 216 -7.94 23.50 13.34
CA ALA C 216 -8.36 22.11 13.55
C ALA C 216 -9.22 21.64 12.40
N ALA C 217 -9.14 20.34 12.12
CA ALA C 217 -9.89 19.62 11.05
C ALA C 217 -11.09 18.86 11.60
N GLY C 218 -11.33 18.91 12.90
CA GLY C 218 -12.37 18.12 13.57
C GLY C 218 -12.22 18.23 15.05
N LEU C 219 -13.06 17.51 15.77
CA LEU C 219 -13.06 17.50 17.24
C LEU C 219 -13.06 16.07 17.77
N KCX C 220 -12.53 15.93 18.98
CA KCX C 220 -12.61 14.69 19.74
CB KCX C 220 -11.21 14.13 20.00
CG KCX C 220 -11.17 12.95 20.99
CD KCX C 220 -11.82 11.68 20.47
CE KCX C 220 -11.57 10.47 21.38
NZ KCX C 220 -10.15 10.13 21.44
C KCX C 220 -13.29 14.96 21.06
O KCX C 220 -12.83 15.80 21.83
CX KCX C 220 -9.66 8.97 21.93
OQ1 KCX C 220 -8.46 8.78 22.03
OQ2 KCX C 220 -10.57 8.07 22.35
N ILE C 221 -14.38 14.23 21.29
CA ILE C 221 -15.03 14.12 22.59
C ILE C 221 -14.42 12.90 23.29
N HIS C 222 -13.85 13.09 24.46
CA HIS C 222 -13.23 12.01 25.26
C HIS C 222 -13.72 12.09 26.71
N GLU C 223 -14.03 10.92 27.26
CA GLU C 223 -14.46 10.87 28.67
C GLU C 223 -13.43 11.51 29.60
N ASP C 224 -12.12 11.47 29.30
CA ASP C 224 -11.17 12.02 30.27
C ASP C 224 -11.28 13.55 30.36
N TRP C 225 -11.97 14.21 29.43
CA TRP C 225 -12.27 15.65 29.51
C TRP C 225 -13.73 15.90 29.89
N GLY C 226 -14.48 14.84 30.18
CA GLY C 226 -15.92 14.91 30.47
C GLY C 226 -16.76 14.73 29.22
N ALA C 227 -17.12 13.49 28.91
CA ALA C 227 -17.97 13.17 27.76
C ALA C 227 -19.43 13.35 28.19
N THR C 228 -19.75 14.55 28.62
CA THR C 228 -21.07 14.91 29.20
C THR C 228 -22.07 15.20 28.08
N PRO C 229 -23.38 15.17 28.37
CA PRO C 229 -24.37 15.62 27.39
C PRO C 229 -24.06 17.03 26.85
N ALA C 230 -23.57 17.94 27.67
CA ALA C 230 -23.31 19.33 27.23
C ALA C 230 -22.15 19.30 26.22
N SER C 231 -21.04 18.62 26.55
CA SER C 231 -19.85 18.64 25.67
C SER C 231 -20.22 17.99 24.33
N ILE C 232 -20.98 16.92 24.37
CA ILE C 232 -21.40 16.22 23.14
C ILE C 232 -22.21 17.22 22.30
N ASP C 233 -23.21 17.82 22.92
CA ASP C 233 -24.15 18.75 22.21
C ASP C 233 -23.37 19.94 21.59
N ARG C 234 -22.52 20.62 22.37
CA ARG C 234 -21.85 21.82 21.84
C ARG C 234 -20.94 21.41 20.70
N SER C 235 -20.20 20.31 20.87
CA SER C 235 -19.27 19.83 19.80
C SER C 235 -20.03 19.58 18.50
N LEU C 236 -21.19 18.92 18.57
CA LEU C 236 -21.95 18.63 17.33
C LEU C 236 -22.58 19.93 16.76
N THR C 237 -22.97 20.90 17.59
CA THR C 237 -23.44 22.22 17.08
C THR C 237 -22.30 22.89 16.30
N VAL C 238 -21.11 22.90 16.88
CA VAL C 238 -19.91 23.45 16.20
C VAL C 238 -19.69 22.72 14.89
N ALA C 239 -19.68 21.38 14.92
CA ALA C 239 -19.37 20.55 13.72
C ALA C 239 -20.37 20.80 12.61
N ASP C 240 -21.64 20.89 12.93
CA ASP C 240 -22.69 21.14 11.92
C ASP C 240 -22.49 22.53 11.29
N GLU C 241 -22.01 23.53 12.02
CA GLU C 241 -21.77 24.89 11.47
C GLU C 241 -20.50 24.85 10.63
N ALA C 242 -19.46 24.15 11.10
CA ALA C 242 -18.10 24.24 10.52
C ALA C 242 -17.85 23.20 9.43
N ASP C 243 -18.70 22.20 9.28
CA ASP C 243 -18.53 21.07 8.34
C ASP C 243 -17.23 20.32 8.64
N VAL C 244 -17.06 19.87 9.87
CA VAL C 244 -15.96 18.96 10.28
C VAL C 244 -16.54 17.78 11.03
N GLN C 245 -15.76 16.73 11.19
CA GLN C 245 -16.27 15.55 11.90
C GLN C 245 -15.92 15.63 13.37
N VAL C 246 -16.76 14.97 14.15
CA VAL C 246 -16.60 14.76 15.61
C VAL C 246 -16.38 13.27 15.84
N ALA C 247 -15.32 12.93 16.56
CA ALA C 247 -15.07 11.55 17.06
C ALA C 247 -15.46 11.53 18.53
N ILE C 248 -16.01 10.41 18.96
CA ILE C 248 -16.40 10.25 20.39
C ILE C 248 -15.78 8.97 20.99
N HIS C 249 -15.29 9.17 22.21
CA HIS C 249 -14.97 8.17 23.24
C HIS C 249 -15.89 8.50 24.40
N SER C 250 -16.95 7.71 24.54
CA SER C 250 -18.08 8.03 25.44
C SER C 250 -17.76 7.70 26.91
N ASP C 251 -18.72 8.02 27.77
CA ASP C 251 -18.66 7.94 29.25
C ASP C 251 -18.74 6.46 29.68
N THR C 252 -17.60 5.78 29.72
CA THR C 252 -17.47 4.37 30.14
C THR C 252 -18.16 4.17 31.48
N LEU C 253 -17.94 5.13 32.38
CA LEU C 253 -18.40 5.10 33.78
C LEU C 253 -19.92 5.24 33.83
N ASN C 254 -20.59 5.58 32.73
CA ASN C 254 -22.04 5.88 32.77
C ASN C 254 -22.36 6.97 33.80
N GLU C 255 -21.43 7.88 34.07
CA GLU C 255 -21.53 8.83 35.19
C GLU C 255 -22.72 9.78 34.98
N ALA C 256 -22.82 10.39 33.80
CA ALA C 256 -23.89 11.39 33.52
C ALA C 256 -25.00 10.76 32.68
N GLY C 257 -24.84 9.51 32.24
CA GLY C 257 -25.81 8.86 31.38
C GLY C 257 -25.36 7.49 30.98
N PHE C 258 -26.30 6.73 30.46
CA PHE C 258 -26.05 5.46 29.75
C PHE C 258 -26.02 5.74 28.25
N LEU C 259 -25.75 4.69 27.48
CA LEU C 259 -25.65 4.85 26.01
C LEU C 259 -26.84 5.64 25.48
N GLU C 260 -28.05 5.31 25.92
CA GLU C 260 -29.26 6.00 25.37
C GLU C 260 -29.15 7.50 25.64
N ASP C 261 -28.54 7.95 26.75
CA ASP C 261 -28.37 9.38 27.06
C ASP C 261 -27.40 10.01 26.05
N THR C 262 -26.29 9.35 25.77
CA THR C 262 -25.33 9.86 24.76
C THR C 262 -26.03 9.94 23.41
N LEU C 263 -26.79 8.92 23.00
CA LEU C 263 -27.49 8.97 21.70
C LEU C 263 -28.51 10.13 21.70
N ARG C 264 -29.21 10.37 22.80
CA ARG C 264 -30.16 11.50 22.90
C ARG C 264 -29.44 12.84 22.73
N ALA C 265 -28.27 13.03 23.32
CA ALA C 265 -27.47 14.25 23.19
C ALA C 265 -27.03 14.40 21.71
N ILE C 266 -26.65 13.31 21.08
CA ILE C 266 -26.23 13.35 19.65
C ILE C 266 -27.42 13.81 18.80
N ASN C 267 -28.61 13.31 19.10
CA ASN C 267 -29.88 13.80 18.53
C ASN C 267 -29.89 13.61 17.01
N GLY C 268 -29.38 12.47 16.53
CA GLY C 268 -29.44 12.10 15.11
C GLY C 268 -28.36 12.74 14.26
N ARG C 269 -27.52 13.58 14.85
CA ARG C 269 -26.40 14.22 14.14
C ARG C 269 -25.31 13.19 13.85
N VAL C 270 -24.53 13.47 12.82
CA VAL C 270 -23.46 12.55 12.34
C VAL C 270 -22.33 12.55 13.37
N ILE C 271 -21.80 11.37 13.68
CA ILE C 271 -20.65 11.25 14.62
C ILE C 271 -19.85 10.01 14.27
N HIS C 272 -18.54 10.10 14.50
CA HIS C 272 -17.63 8.96 14.33
C HIS C 272 -17.43 8.34 15.73
N SER C 273 -17.91 7.13 15.93
CA SER C 273 -17.74 6.39 17.19
C SER C 273 -16.43 5.60 17.15
N PHE C 274 -15.43 6.07 17.90
CA PHE C 274 -14.09 5.44 17.99
C PHE C 274 -14.22 4.14 18.82
N HIS C 275 -13.26 3.22 18.61
CA HIS C 275 -13.15 1.91 19.30
C HIS C 275 -14.54 1.45 19.76
N VAL C 276 -15.41 1.19 18.79
CA VAL C 276 -16.87 1.07 19.10
C VAL C 276 -17.10 -0.20 19.94
N GLU C 277 -16.23 -1.19 19.87
CA GLU C 277 -16.37 -2.41 20.72
C GLU C 277 -16.25 -2.03 22.20
N GLY C 278 -15.42 -1.04 22.55
CA GLY C 278 -15.42 -0.48 23.91
C GLY C 278 -14.25 -0.84 24.79
N ALA C 279 -13.41 -1.84 24.47
CA ALA C 279 -12.18 -2.07 25.26
C ALA C 279 -11.36 -0.77 25.27
N GLY C 280 -11.33 -0.06 24.14
CA GLY C 280 -10.57 1.21 24.06
C GLY C 280 -11.31 2.37 24.69
N GLY C 281 -12.56 2.16 25.13
CA GLY C 281 -13.32 3.19 25.83
C GLY C 281 -14.78 3.21 25.40
N GLY C 282 -15.68 3.43 26.37
CA GLY C 282 -17.09 3.77 26.08
C GLY C 282 -18.03 3.08 27.04
N HIS C 283 -19.25 3.60 27.11
CA HIS C 283 -20.35 3.11 27.99
C HIS C 283 -20.20 1.61 28.24
N ALA C 284 -19.95 1.22 29.49
CA ALA C 284 -19.86 -0.20 29.86
C ALA C 284 -21.26 -0.76 30.07
N PRO C 285 -21.67 -1.89 29.48
CA PRO C 285 -20.86 -2.72 28.58
C PRO C 285 -21.28 -2.63 27.12
N ASP C 286 -22.20 -1.71 26.83
CA ASP C 286 -23.07 -1.81 25.62
C ASP C 286 -22.73 -0.78 24.53
N ILE C 287 -21.59 -0.09 24.63
CA ILE C 287 -21.22 0.96 23.65
C ILE C 287 -21.32 0.42 22.22
N MET C 288 -20.99 -0.84 21.98
CA MET C 288 -20.87 -1.34 20.59
C MET C 288 -22.24 -1.28 19.89
N ALA C 289 -23.35 -1.15 20.65
CA ALA C 289 -24.69 -0.96 20.04
C ALA C 289 -24.74 0.33 19.18
N MET C 290 -23.85 1.29 19.40
CA MET C 290 -23.71 2.48 18.51
CA MET C 290 -23.76 2.49 18.51
C MET C 290 -23.64 2.06 17.04
N ALA C 291 -22.97 0.95 16.74
CA ALA C 291 -22.65 0.55 15.35
C ALA C 291 -23.90 0.12 14.58
N GLY C 292 -25.06 0.06 15.25
CA GLY C 292 -26.32 -0.30 14.55
C GLY C 292 -27.02 0.94 13.98
N HIS C 293 -26.63 2.15 14.42
CA HIS C 293 -27.40 3.40 14.14
C HIS C 293 -27.01 4.07 12.82
N PRO C 294 -27.97 4.69 12.10
CA PRO C 294 -27.68 5.23 10.77
C PRO C 294 -26.83 6.50 10.74
N ASN C 295 -26.80 7.22 11.87
CA ASN C 295 -26.02 8.48 11.98
C ASN C 295 -24.62 8.23 12.61
N VAL C 296 -24.26 6.97 12.86
CA VAL C 296 -22.97 6.60 13.47
C VAL C 296 -22.05 6.04 12.37
N LEU C 297 -20.85 6.58 12.29
CA LEU C 297 -19.74 6.06 11.46
C LEU C 297 -18.82 5.33 12.43
N PRO C 298 -18.93 3.99 12.53
CA PRO C 298 -18.25 3.25 13.59
C PRO C 298 -16.88 2.70 13.18
N SER C 299 -15.87 2.95 14.01
CA SER C 299 -14.52 2.37 13.80
C SER C 299 -14.12 1.47 14.99
N SER C 300 -13.28 0.50 14.71
CA SER C 300 -12.50 -0.24 15.71
C SER C 300 -11.11 0.37 15.81
N THR C 301 -10.51 0.29 16.99
CA THR C 301 -9.04 0.40 17.12
C THR C 301 -8.44 -1.00 17.04
N ASN C 302 -7.12 -1.09 16.99
CA ASN C 302 -6.53 -2.36 16.50
C ASN C 302 -6.16 -3.39 17.59
N PRO C 303 -5.98 -3.13 18.91
CA PRO C 303 -5.44 -4.23 19.74
C PRO C 303 -6.43 -5.38 19.98
N THR C 304 -7.73 -5.15 19.79
CA THR C 304 -8.74 -6.24 19.91
C THR C 304 -8.84 -6.98 18.57
N ARG C 305 -8.07 -6.57 17.56
CA ARG C 305 -8.28 -7.09 16.20
C ARG C 305 -7.16 -8.08 15.84
N PRO C 306 -7.46 -9.36 15.56
CA PRO C 306 -8.74 -10.02 15.86
C PRO C 306 -8.66 -10.68 17.24
N PHE C 307 -9.69 -11.43 17.59
CA PHE C 307 -9.82 -12.05 18.94
C PHE C 307 -8.85 -13.25 19.03
N THR C 308 -7.82 -13.15 19.87
CA THR C 308 -6.79 -14.23 19.99
C THR C 308 -6.72 -14.71 21.41
N VAL C 309 -6.03 -15.84 21.61
CA VAL C 309 -5.93 -16.45 22.96
C VAL C 309 -5.18 -15.54 23.93
N ASN C 310 -4.28 -14.64 23.49
CA ASN C 310 -3.62 -13.73 24.45
C ASN C 310 -4.39 -12.42 24.68
N THR C 311 -5.43 -12.12 23.89
CA THR C 311 -6.08 -10.78 23.88
C THR C 311 -6.56 -10.38 25.28
N ILE C 312 -7.33 -11.22 25.95
CA ILE C 312 -7.98 -10.84 27.22
C ILE C 312 -6.91 -10.67 28.31
N ASP C 313 -5.99 -11.61 28.44
CA ASP C 313 -4.93 -11.50 29.49
C ASP C 313 -4.16 -10.20 29.25
N GLU C 314 -3.84 -9.92 28.00
CA GLU C 314 -3.05 -8.72 27.64
C GLU C 314 -3.86 -7.46 27.99
N HIS C 315 -5.14 -7.41 27.59
CA HIS C 315 -5.97 -6.18 27.74
C HIS C 315 -6.31 -5.93 29.21
N LEU C 316 -6.67 -6.97 29.97
CA LEU C 316 -7.04 -6.77 31.40
C LEU C 316 -5.82 -6.19 32.12
N ASP C 317 -4.64 -6.75 31.89
CA ASP C 317 -3.44 -6.24 32.59
C ASP C 317 -3.13 -4.82 32.11
N MET C 318 -3.19 -4.57 30.81
CA MET C 318 -2.87 -3.23 30.21
CA MET C 318 -2.86 -3.23 30.23
C MET C 318 -3.78 -2.18 30.87
N LEU C 319 -5.07 -2.49 31.00
CA LEU C 319 -6.04 -1.51 31.54
C LEU C 319 -5.71 -1.19 33.00
N MET C 320 -5.39 -2.23 33.79
N MET C 320 -5.32 -2.21 33.79
CA MET C 320 -5.06 -2.09 35.24
CA MET C 320 -5.11 -2.05 35.25
C MET C 320 -3.81 -1.20 35.37
C MET C 320 -3.72 -1.47 35.56
N VAL C 321 -2.75 -1.53 34.63
CA VAL C 321 -1.45 -0.80 34.71
CA VAL C 321 -1.49 -0.77 34.82
C VAL C 321 -1.68 0.65 34.26
O3 QNT C 322 0.21 6.65 28.37
C4 QNT C 322 0.47 4.66 29.62
C5 QNT C 322 0.00 3.44 30.07
O4 QNT C 322 1.71 5.07 30.03
C6 QNT C 322 -1.26 3.01 29.67
N QNT C 322 -2.31 0.88 33.16
C QNT C 322 -3.25 3.12 33.55
O QNT C 322 -3.29 4.33 33.38
C1 QNT C 322 -2.04 3.82 28.84
C2 QNT C 322 -1.57 5.04 28.39
C3 QNT C 322 -0.30 5.46 28.79
CA QNT C 322 -2.49 2.23 32.58
CB QNT C 322 -3.16 2.13 31.23
SG QNT C 322 -1.92 1.51 30.14
C51 QNT C 322 0.90 2.65 30.97
C21 QNT C 322 -2.48 5.86 27.52
N HIS C 323 -4.34 2.59 34.03
CA HIS C 323 -5.21 3.35 34.98
C HIS C 323 -4.73 3.28 36.43
N HIS C 324 -3.54 2.73 36.73
CA HIS C 324 -3.00 2.70 38.11
C HIS C 324 -4.01 2.00 39.04
N LEU C 325 -4.65 0.94 38.55
CA LEU C 325 -5.69 0.21 39.31
C LEU C 325 -5.00 -0.87 40.13
N LYS C 326 -5.62 -1.29 41.23
CA LYS C 326 -5.02 -2.30 42.13
C LYS C 326 -5.87 -3.56 42.05
N GLN C 327 -5.20 -4.70 41.90
CA GLN C 327 -5.81 -6.05 41.81
C GLN C 327 -6.55 -6.40 43.11
N ASN C 328 -6.22 -5.74 44.23
CA ASN C 328 -6.84 -6.00 45.56
C ASN C 328 -7.92 -4.96 45.90
N ILE C 329 -8.29 -4.05 44.99
CA ILE C 329 -9.42 -3.09 45.20
C ILE C 329 -10.60 -3.56 44.33
N PRO C 330 -11.69 -4.04 44.97
CA PRO C 330 -12.78 -4.68 44.23
C PRO C 330 -13.41 -3.74 43.18
N GLU C 331 -13.51 -2.42 43.44
CA GLU C 331 -14.09 -1.44 42.48
C GLU C 331 -13.23 -1.38 41.22
N ASP C 332 -11.91 -1.48 41.41
CA ASP C 332 -10.94 -1.46 40.28
C ASP C 332 -11.12 -2.72 39.43
N VAL C 333 -11.18 -3.89 40.06
CA VAL C 333 -11.38 -5.18 39.35
C VAL C 333 -12.75 -5.15 38.64
N ALA C 334 -13.79 -4.68 39.33
CA ALA C 334 -15.14 -4.62 38.73
C ALA C 334 -15.10 -3.73 37.47
N PHE C 335 -14.47 -2.56 37.57
CA PHE C 335 -14.36 -1.64 36.43
C PHE C 335 -13.69 -2.38 35.27
N ALA C 336 -12.58 -3.06 35.54
CA ALA C 336 -11.77 -3.68 34.45
C ALA C 336 -12.62 -4.77 33.80
N ASP C 337 -13.28 -5.57 34.63
CA ASP C 337 -14.13 -6.69 34.16
C ASP C 337 -15.32 -6.16 33.35
N SER C 338 -15.82 -4.96 33.70
CA SER C 338 -16.95 -4.35 32.96
C SER C 338 -16.47 -3.84 31.58
N ARG C 339 -15.17 -3.59 31.39
CA ARG C 339 -14.65 -2.91 30.17
C ARG C 339 -13.99 -3.88 29.18
N ILE C 340 -13.32 -4.93 29.68
CA ILE C 340 -12.59 -5.91 28.83
C ILE C 340 -13.40 -7.21 28.83
N ARG C 341 -14.04 -7.50 27.71
CA ARG C 341 -15.14 -8.49 27.61
C ARG C 341 -14.87 -9.39 26.41
N PRO C 342 -14.60 -10.69 26.59
CA PRO C 342 -14.49 -11.60 25.44
C PRO C 342 -15.76 -11.61 24.60
N GLU C 343 -16.93 -11.40 25.23
CA GLU C 343 -18.22 -11.50 24.51
C GLU C 343 -18.30 -10.41 23.41
N THR C 344 -17.83 -9.21 23.70
CA THR C 344 -17.95 -8.07 22.74
C THR C 344 -16.74 -8.12 21.79
N ILE C 345 -15.57 -8.55 22.24
CA ILE C 345 -14.40 -8.67 21.33
C ILE C 345 -14.69 -9.75 20.28
N ALA C 346 -15.21 -10.92 20.67
CA ALA C 346 -15.52 -11.98 19.69
C ALA C 346 -16.56 -11.44 18.70
N ALA C 347 -17.61 -10.77 19.21
CA ALA C 347 -18.69 -10.24 18.35
C ALA C 347 -18.13 -9.17 17.39
N GLU C 348 -17.09 -8.44 17.83
CA GLU C 348 -16.48 -7.37 16.99
C GLU C 348 -15.88 -7.99 15.73
N ASP C 349 -15.25 -9.17 15.82
CA ASP C 349 -14.74 -9.87 14.61
C ASP C 349 -15.89 -10.04 13.62
N ILE C 350 -17.00 -10.59 14.10
CA ILE C 350 -18.16 -10.89 13.23
C ILE C 350 -18.81 -9.61 12.71
N LEU C 351 -18.95 -8.58 13.52
CA LEU C 351 -19.53 -7.30 13.06
C LEU C 351 -18.67 -6.72 11.93
N HIS C 352 -17.34 -6.87 12.00
CA HIS C 352 -16.50 -6.45 10.86
C HIS C 352 -16.85 -7.24 9.62
N ASP C 353 -16.99 -8.55 9.78
CA ASP C 353 -17.25 -9.45 8.63
C ASP C 353 -18.58 -9.15 7.97
N LEU C 354 -19.57 -8.74 8.75
CA LEU C 354 -20.94 -8.47 8.29
C LEU C 354 -21.07 -7.05 7.74
N GLY C 355 -20.03 -6.19 7.83
CA GLY C 355 -20.16 -4.83 7.33
C GLY C 355 -20.91 -3.91 8.28
N ILE C 356 -20.96 -4.25 9.57
CA ILE C 356 -21.62 -3.44 10.61
C ILE C 356 -20.62 -2.48 11.27
N ILE C 357 -19.35 -2.86 11.36
CA ILE C 357 -18.31 -1.87 11.77
C ILE C 357 -17.57 -1.52 10.48
N SER C 358 -17.46 -0.23 10.17
CA SER C 358 -17.15 0.26 8.80
C SER C 358 -15.67 0.56 8.65
N MET C 359 -14.97 0.73 9.76
CA MET C 359 -13.61 1.33 9.73
C MET C 359 -12.71 0.63 10.73
N MET C 360 -11.42 0.63 10.41
N MET C 360 -11.42 0.66 10.42
CA MET C 360 -10.30 0.32 11.32
CA MET C 360 -10.29 0.31 11.31
C MET C 360 -9.54 1.63 11.61
C MET C 360 -9.48 1.58 11.55
N SER C 361 -8.71 1.59 12.63
CA SER C 361 -7.91 2.73 13.07
C SER C 361 -6.89 2.15 14.03
N THR C 362 -5.88 2.92 14.44
CA THR C 362 -4.87 2.39 15.37
C THR C 362 -5.18 2.63 16.85
N ASP C 363 -5.38 3.88 17.25
CA ASP C 363 -5.23 4.36 18.65
C ASP C 363 -3.74 4.43 18.98
N ALA C 364 -2.93 4.79 17.99
CA ALA C 364 -1.46 4.79 18.10
C ALA C 364 -0.97 5.35 19.44
N LEU C 365 -0.25 4.52 20.22
CA LEU C 365 0.50 4.87 21.46
C LEU C 365 -0.38 5.24 22.65
N ALA C 366 -1.71 5.16 22.51
N ALA C 366 -1.71 5.17 22.51
CA ALA C 366 -2.64 5.38 23.65
CA ALA C 366 -2.64 5.38 23.65
C ALA C 366 -3.27 4.05 24.04
C ALA C 366 -3.23 4.03 24.04
N MET C 367 -3.73 3.28 23.06
CA MET C 367 -4.13 1.87 23.27
C MET C 367 -4.23 1.19 21.90
N GLY C 368 -3.13 1.25 21.17
CA GLY C 368 -3.14 0.76 19.79
C GLY C 368 -1.82 0.97 19.12
N ARG C 369 -1.63 0.28 18.02
CA ARG C 369 -0.30 0.09 17.41
C ARG C 369 -0.22 0.81 16.07
N ALA C 370 0.63 1.82 16.01
CA ALA C 370 0.72 2.76 14.86
C ALA C 370 0.93 2.02 13.55
N GLY C 371 1.58 0.84 13.57
CA GLY C 371 2.00 0.13 12.35
C GLY C 371 1.24 -1.16 12.11
N GLU C 372 0.04 -1.31 12.68
CA GLU C 372 -0.69 -2.59 12.60
C GLU C 372 -2.14 -2.41 12.20
N MET C 373 -2.55 -1.24 11.69
CA MET C 373 -3.96 -1.12 11.23
C MET C 373 -4.19 -2.01 10.01
N VAL C 374 -3.31 -1.94 9.02
CA VAL C 374 -3.48 -2.74 7.78
C VAL C 374 -3.29 -4.22 8.17
N LEU C 375 -2.23 -4.50 8.91
CA LEU C 375 -1.86 -5.88 9.33
C LEU C 375 -3.08 -6.59 9.92
N ARG C 376 -3.69 -5.97 10.92
CA ARG C 376 -4.75 -6.63 11.69
C ARG C 376 -6.07 -6.65 10.93
N THR C 377 -6.27 -5.76 9.94
CA THR C 377 -7.46 -5.83 9.08
C THR C 377 -7.46 -7.19 8.38
N TRP C 378 -6.32 -7.55 7.77
CA TRP C 378 -6.21 -8.78 6.97
C TRP C 378 -6.20 -10.01 7.88
N GLN C 379 -5.57 -9.94 9.05
CA GLN C 379 -5.63 -11.05 10.02
C GLN C 379 -7.10 -11.30 10.41
N THR C 380 -7.89 -10.24 10.62
CA THR C 380 -9.34 -10.40 10.94
C THR C 380 -10.06 -11.09 9.77
N ALA C 381 -9.86 -10.60 8.54
CA ALA C 381 -10.57 -11.19 7.37
C ALA C 381 -10.20 -12.67 7.22
N ASP C 382 -8.93 -13.02 7.43
CA ASP C 382 -8.44 -14.41 7.36
C ASP C 382 -9.10 -15.26 8.42
N LYS C 383 -9.19 -14.76 9.65
CA LYS C 383 -9.81 -15.52 10.73
C LYS C 383 -11.27 -15.77 10.41
N MET C 384 -11.98 -14.74 9.94
CA MET C 384 -13.41 -14.86 9.61
C MET C 384 -13.62 -15.85 8.48
N LYS C 385 -12.74 -15.87 7.47
CA LYS C 385 -12.90 -16.89 6.39
C LYS C 385 -12.76 -18.29 7.02
N LYS C 386 -11.76 -18.48 7.86
CA LYS C 386 -11.50 -19.81 8.50
C LYS C 386 -12.74 -20.21 9.33
N GLN C 387 -13.31 -19.30 10.09
CA GLN C 387 -14.36 -19.66 11.07
C GLN C 387 -15.76 -19.60 10.45
N ARG C 388 -16.05 -18.70 9.53
CA ARG C 388 -17.42 -18.44 9.03
C ARG C 388 -17.57 -18.93 7.59
N GLY C 389 -16.49 -19.28 6.91
CA GLY C 389 -16.46 -19.73 5.49
C GLY C 389 -16.38 -18.56 4.53
N PRO C 390 -16.17 -18.81 3.21
CA PRO C 390 -16.39 -17.77 2.18
C PRO C 390 -17.75 -17.08 2.43
N LEU C 391 -17.85 -15.75 2.27
CA LEU C 391 -19.14 -15.03 2.40
C LEU C 391 -20.05 -15.51 1.25
N ALA C 392 -21.37 -15.43 1.40
CA ALA C 392 -22.37 -15.92 0.43
C ALA C 392 -22.13 -15.21 -0.91
N GLU C 393 -21.74 -13.94 -0.84
CA GLU C 393 -21.63 -12.99 -1.99
C GLU C 393 -20.44 -13.41 -2.87
N GLU C 394 -19.53 -14.28 -2.41
CA GLU C 394 -18.31 -14.64 -3.20
C GLU C 394 -18.69 -15.43 -4.47
N LYS C 395 -17.76 -15.54 -5.42
CA LYS C 395 -17.89 -16.40 -6.62
C LYS C 395 -16.49 -16.79 -7.10
N ASN C 396 -16.39 -17.93 -7.81
CA ASN C 396 -15.16 -18.41 -8.51
C ASN C 396 -14.15 -18.89 -7.46
N GLY C 397 -14.60 -19.06 -6.22
CA GLY C 397 -13.73 -19.48 -5.12
C GLY C 397 -12.79 -18.37 -4.69
N SER C 398 -13.03 -17.12 -5.14
CA SER C 398 -12.16 -15.99 -4.73
C SER C 398 -12.72 -15.35 -3.47
N ASP C 399 -11.88 -14.58 -2.80
CA ASP C 399 -12.30 -13.81 -1.62
C ASP C 399 -12.44 -12.30 -1.96
N ASN C 400 -12.75 -11.97 -3.19
CA ASN C 400 -12.84 -10.57 -3.66
C ASN C 400 -13.86 -9.78 -2.84
N PHE C 401 -15.02 -10.34 -2.51
CA PHE C 401 -16.05 -9.56 -1.79
C PHE C 401 -15.49 -9.21 -0.42
N ARG C 402 -14.96 -10.18 0.30
CA ARG C 402 -14.34 -9.91 1.61
C ARG C 402 -13.20 -8.92 1.43
N ALA C 403 -12.38 -9.07 0.40
CA ALA C 403 -11.20 -8.20 0.22
C ALA C 403 -11.66 -6.76 -0.02
N LYS C 404 -12.75 -6.53 -0.75
CA LYS C 404 -13.24 -5.13 -0.94
C LYS C 404 -13.86 -4.63 0.35
N ARG C 405 -14.61 -5.45 1.06
CA ARG C 405 -15.20 -5.06 2.35
C ARG C 405 -14.10 -4.62 3.32
N TYR C 406 -13.02 -5.38 3.38
CA TYR C 406 -11.97 -5.10 4.39
C TYR C 406 -11.05 -3.97 3.94
N VAL C 407 -10.66 -3.90 2.66
CA VAL C 407 -9.74 -2.81 2.23
C VAL C 407 -10.47 -1.47 2.47
N SER C 408 -11.79 -1.43 2.36
CA SER C 408 -12.59 -0.19 2.50
C SER C 408 -12.43 0.34 3.94
N LYS C 409 -12.19 -0.54 4.90
CA LYS C 409 -12.21 -0.17 6.34
C LYS C 409 -11.05 0.74 6.68
N TYR C 410 -9.97 0.70 5.93
CA TYR C 410 -8.78 1.54 6.28
C TYR C 410 -8.37 2.48 5.15
N THR C 411 -9.15 2.54 4.06
CA THR C 411 -8.86 3.44 2.92
C THR C 411 -10.02 4.42 2.80
N ILE C 412 -11.06 4.02 2.09
CA ILE C 412 -12.10 5.01 1.66
C ILE C 412 -13.01 5.40 2.85
N ASN C 413 -13.32 4.47 3.74
CA ASN C 413 -14.35 4.79 4.77
C ASN C 413 -13.84 5.83 5.75
N PRO C 414 -12.60 5.71 6.27
CA PRO C 414 -12.10 6.79 7.13
C PRO C 414 -12.04 8.14 6.40
N ALA C 415 -11.68 8.14 5.12
CA ALA C 415 -11.60 9.37 4.33
C ALA C 415 -12.99 10.01 4.20
N ILE C 416 -14.02 9.21 3.94
CA ILE C 416 -15.42 9.70 3.85
C ILE C 416 -15.81 10.23 5.23
N ALA C 417 -15.53 9.48 6.28
CA ALA C 417 -15.95 9.90 7.63
C ALA C 417 -15.36 11.28 7.96
N GLN C 418 -14.13 11.51 7.51
N GLN C 418 -14.09 11.55 7.60
CA GLN C 418 -13.38 12.71 7.95
CA GLN C 418 -13.42 12.80 8.03
C GLN C 418 -13.68 13.91 7.04
C GLN C 418 -13.58 13.92 6.96
N GLY C 419 -14.34 13.69 5.89
CA GLY C 419 -14.60 14.73 4.88
C GLY C 419 -13.40 15.01 4.00
N ILE C 420 -12.58 14.00 3.75
CA ILE C 420 -11.33 14.17 2.96
C ILE C 420 -11.29 13.22 1.76
N ALA C 421 -12.36 12.52 1.45
CA ALA C 421 -12.37 11.52 0.37
C ALA C 421 -12.36 12.17 -1.01
N HIS C 422 -12.53 13.48 -1.13
CA HIS C 422 -12.27 14.18 -2.41
C HIS C 422 -10.79 14.16 -2.73
N GLU C 423 -9.91 14.03 -1.71
CA GLU C 423 -8.45 14.09 -1.90
C GLU C 423 -7.83 12.68 -1.84
N VAL C 424 -8.23 11.88 -0.84
CA VAL C 424 -7.47 10.64 -0.49
C VAL C 424 -8.44 9.49 -0.24
N GLY C 425 -7.90 8.29 -0.02
CA GLY C 425 -8.66 7.14 0.44
C GLY C 425 -8.95 6.11 -0.63
N SER C 426 -8.66 6.35 -1.91
CA SER C 426 -8.90 5.35 -2.94
C SER C 426 -8.06 5.65 -4.17
N ILE C 427 -7.88 4.61 -4.97
CA ILE C 427 -7.20 4.72 -6.30
C ILE C 427 -8.28 5.06 -7.32
N GLU C 428 -8.50 6.36 -7.49
CA GLU C 428 -9.47 6.90 -8.45
C GLU C 428 -8.88 8.11 -9.14
N GLU C 429 -9.25 8.31 -10.40
CA GLU C 429 -8.83 9.51 -11.15
C GLU C 429 -9.30 10.76 -10.40
N GLY C 430 -8.40 11.73 -10.28
CA GLY C 430 -8.67 13.03 -9.67
C GLY C 430 -8.27 13.06 -8.22
N LYS C 431 -7.80 11.97 -7.64
CA LYS C 431 -7.38 11.94 -6.23
CA LYS C 431 -7.38 11.92 -6.22
C LYS C 431 -5.85 12.00 -6.10
N PHE C 432 -5.40 12.42 -4.94
CA PHE C 432 -3.97 12.57 -4.66
C PHE C 432 -3.27 11.22 -4.80
N ALA C 433 -2.05 11.24 -5.33
CA ALA C 433 -1.29 10.00 -5.67
C ALA C 433 -0.53 9.51 -4.41
N ASP C 434 -1.31 9.07 -3.45
CA ASP C 434 -0.85 8.34 -2.25
C ASP C 434 -1.07 6.86 -2.56
N LEU C 435 -0.01 6.15 -2.90
CA LEU C 435 -0.11 4.76 -3.41
C LEU C 435 0.91 3.89 -2.67
N VAL C 436 0.52 2.67 -2.37
CA VAL C 436 1.41 1.71 -1.68
C VAL C 436 1.57 0.48 -2.57
N LEU C 437 2.82 0.18 -2.90
CA LEU C 437 3.18 -1.06 -3.63
C LEU C 437 3.51 -2.12 -2.58
N TRP C 438 3.00 -3.32 -2.78
CA TRP C 438 3.23 -4.49 -1.92
C TRP C 438 3.70 -5.66 -2.77
N GLU C 439 4.75 -6.34 -2.37
CA GLU C 439 5.00 -7.70 -2.89
C GLU C 439 3.90 -8.56 -2.29
N PRO C 440 3.22 -9.42 -3.05
CA PRO C 440 2.17 -10.25 -2.44
C PRO C 440 2.64 -11.06 -1.23
N LYS C 441 3.89 -11.50 -1.21
CA LYS C 441 4.39 -12.31 -0.07
C LYS C 441 4.45 -11.46 1.20
N PHE C 442 4.53 -10.13 1.06
CA PHE C 442 4.57 -9.20 2.21
C PHE C 442 3.29 -8.39 2.32
N PHE C 443 2.24 -8.76 1.57
CA PHE C 443 1.02 -7.90 1.50
C PHE C 443 0.43 -7.67 2.90
N GLY C 444 0.20 -6.40 3.26
CA GLY C 444 -0.36 -5.97 4.53
C GLY C 444 0.61 -6.08 5.70
N VAL C 445 1.84 -6.51 5.45
CA VAL C 445 2.88 -6.72 6.49
C VAL C 445 3.91 -5.60 6.39
N LYS C 446 4.66 -5.57 5.30
CA LYS C 446 5.71 -4.54 5.09
C LYS C 446 5.55 -3.99 3.68
N ALA C 447 5.30 -2.70 3.57
CA ALA C 447 5.15 -2.03 2.25
C ALA C 447 6.49 -2.07 1.53
N ASP C 448 6.46 -2.24 0.21
CA ASP C 448 7.66 -2.13 -0.66
C ASP C 448 8.04 -0.65 -0.83
N ARG C 449 7.10 0.12 -1.38
CA ARG C 449 7.31 1.55 -1.66
C ARG C 449 6.00 2.27 -1.36
N VAL C 450 6.14 3.38 -0.66
CA VAL C 450 5.02 4.27 -0.32
C VAL C 450 5.22 5.56 -1.10
N ILE C 451 4.32 5.82 -2.04
CA ILE C 451 4.28 7.04 -2.89
C ILE C 451 3.40 8.05 -2.21
N LYS C 452 3.91 9.27 -2.07
CA LYS C 452 3.18 10.40 -1.43
C LYS C 452 3.16 11.53 -2.45
N GLY C 453 1.97 11.91 -2.92
CA GLY C 453 1.89 13.01 -3.91
C GLY C 453 2.73 12.75 -5.14
N GLY C 454 2.80 11.47 -5.56
CA GLY C 454 3.52 11.10 -6.78
C GLY C 454 5.02 10.97 -6.65
N ILE C 455 5.59 11.08 -5.46
CA ILE C 455 7.04 10.84 -5.24
C ILE C 455 7.20 9.78 -4.13
N ILE C 456 8.13 8.85 -4.29
CA ILE C 456 8.33 7.83 -3.23
C ILE C 456 8.80 8.52 -1.95
N ALA C 457 8.08 8.28 -0.87
CA ALA C 457 8.44 8.83 0.45
C ALA C 457 9.17 7.80 1.34
N TYR C 458 8.86 6.52 1.19
CA TYR C 458 9.34 5.47 2.09
C TYR C 458 9.48 4.21 1.28
N ALA C 459 10.57 3.47 1.54
CA ALA C 459 10.83 2.24 0.78
C ALA C 459 11.62 1.25 1.63
N GLN C 460 11.34 -0.02 1.43
CA GLN C 460 12.22 -1.15 1.89
C GLN C 460 13.33 -1.28 0.87
N ILE C 461 14.51 -0.86 1.27
CA ILE C 461 15.65 -0.82 0.33
C ILE C 461 16.94 -1.04 1.12
N GLY C 462 17.96 -1.48 0.42
CA GLY C 462 19.18 -1.96 1.04
C GLY C 462 20.33 -0.96 1.08
N ASP C 463 21.51 -1.55 1.14
CA ASP C 463 22.80 -0.93 1.48
C ASP C 463 22.96 0.30 0.59
N PRO C 464 23.04 1.51 1.15
CA PRO C 464 23.24 2.71 0.34
C PRO C 464 24.62 2.85 -0.27
N SER C 465 25.56 2.00 0.16
CA SER C 465 26.96 2.02 -0.31
C SER C 465 27.16 0.97 -1.41
N ALA C 466 26.14 0.19 -1.73
CA ALA C 466 26.29 -0.95 -2.65
C ALA C 466 26.21 -0.53 -4.12
N SER C 467 26.59 -1.45 -5.01
CA SER C 467 26.55 -1.24 -6.48
C SER C 467 25.11 -1.14 -6.97
N ILE C 468 24.20 -1.78 -6.24
CA ILE C 468 22.77 -1.89 -6.59
C ILE C 468 22.03 -1.77 -5.25
N PRO C 469 20.70 -1.52 -5.26
CA PRO C 469 20.01 -1.14 -4.03
C PRO C 469 19.45 -2.29 -3.16
N THR C 470 19.57 -3.51 -3.66
CA THR C 470 18.97 -4.72 -3.04
C THR C 470 19.88 -5.41 -2.02
N PRO C 471 21.20 -5.23 -1.97
CA PRO C 471 22.00 -5.93 -0.96
C PRO C 471 21.62 -5.53 0.47
N GLN C 472 21.92 -6.41 1.40
CA GLN C 472 21.52 -6.22 2.82
C GLN C 472 22.33 -5.09 3.44
N PRO C 473 21.80 -4.44 4.48
CA PRO C 473 20.49 -4.75 5.05
C PRO C 473 19.32 -4.00 4.38
N VAL C 474 18.31 -4.75 3.97
CA VAL C 474 17.04 -4.18 3.45
C VAL C 474 16.17 -3.78 4.63
N MET C 475 15.86 -2.50 4.73
CA MET C 475 15.06 -1.98 5.85
CA MET C 475 15.15 -1.90 5.89
C MET C 475 14.25 -0.76 5.37
N GLY C 476 13.23 -0.41 6.12
CA GLY C 476 12.42 0.78 5.81
C GLY C 476 13.22 2.05 5.98
N ARG C 477 13.24 2.90 4.94
CA ARG C 477 14.01 4.13 4.92
C ARG C 477 13.17 5.24 4.28
N ARG C 478 13.33 6.45 4.80
CA ARG C 478 12.75 7.66 4.16
C ARG C 478 13.47 7.96 2.85
N MET C 479 12.69 8.29 1.83
CA MET C 479 13.19 8.54 0.46
C MET C 479 13.11 10.04 0.12
N TYR C 480 13.46 10.42 -1.10
CA TYR C 480 13.65 11.85 -1.43
C TYR C 480 12.36 12.66 -1.24
N GLY C 481 11.18 12.05 -1.29
CA GLY C 481 9.94 12.80 -1.05
C GLY C 481 9.86 13.43 0.33
N THR C 482 10.70 12.97 1.28
CA THR C 482 10.70 13.47 2.68
C THR C 482 11.76 14.54 2.86
N VAL C 483 12.62 14.79 1.87
CA VAL C 483 13.85 15.59 2.07
C VAL C 483 13.63 17.03 1.60
N GLY C 484 14.26 17.97 2.28
CA GLY C 484 14.23 19.39 1.91
C GLY C 484 12.81 19.89 1.79
N ASP C 485 12.55 20.69 0.77
CA ASP C 485 11.21 21.33 0.58
C ASP C 485 10.26 20.36 -0.09
N LEU C 486 10.73 19.18 -0.54
CA LEU C 486 9.79 18.27 -1.24
C LEU C 486 8.77 17.69 -0.26
N ILE C 487 9.10 17.69 1.04
CA ILE C 487 8.16 17.26 2.09
C ILE C 487 6.90 18.15 2.07
N HIS C 488 7.00 19.37 1.58
CA HIS C 488 5.85 20.29 1.51
C HIS C 488 4.90 19.88 0.40
N ASP C 489 5.44 19.46 -0.75
CA ASP C 489 4.61 19.24 -1.95
C ASP C 489 4.01 17.84 -1.93
N THR C 490 4.58 16.91 -1.17
CA THR C 490 4.18 15.49 -1.22
C THR C 490 3.16 15.19 -0.12
N ASN C 491 2.85 16.14 0.76
CA ASN C 491 1.98 15.90 1.93
C ASN C 491 0.92 16.99 2.04
N ILE C 492 -0.23 16.63 2.62
CA ILE C 492 -1.39 17.53 2.81
C ILE C 492 -1.60 17.75 4.30
N THR C 493 -1.74 19.01 4.68
CA THR C 493 -2.35 19.38 5.98
C THR C 493 -3.84 19.62 5.72
N PHE C 494 -4.71 18.80 6.29
CA PHE C 494 -6.17 18.97 6.21
C PHE C 494 -6.62 19.95 7.29
N MET C 495 -7.43 20.93 6.89
CA MET C 495 -7.90 22.04 7.75
C MET C 495 -9.39 22.34 7.49
N SER C 496 -10.01 22.96 8.48
CA SER C 496 -11.40 23.46 8.39
C SER C 496 -11.48 24.53 7.29
N LYS C 497 -12.63 24.59 6.66
CA LYS C 497 -12.95 25.69 5.70
C LYS C 497 -12.72 27.07 6.33
N SER C 498 -13.14 27.28 7.56
CA SER C 498 -13.05 28.61 8.18
C SER C 498 -11.59 29.02 8.38
N SER C 499 -10.71 28.10 8.87
CA SER C 499 -9.28 28.42 9.04
C SER C 499 -8.64 28.75 7.69
N ILE C 500 -9.04 28.05 6.65
CA ILE C 500 -8.51 28.32 5.29
C ILE C 500 -9.01 29.72 4.82
N GLN C 501 -10.29 30.00 5.02
CA GLN C 501 -10.86 31.31 4.58
C GLN C 501 -10.18 32.43 5.36
N GLN C 502 -9.83 32.20 6.62
CA GLN C 502 -9.24 33.22 7.50
C GLN C 502 -7.72 33.29 7.29
N GLY C 503 -7.15 32.53 6.37
CA GLY C 503 -5.74 32.71 6.02
C GLY C 503 -4.77 32.15 7.06
N VAL C 504 -5.18 31.14 7.83
CA VAL C 504 -4.26 30.53 8.84
C VAL C 504 -2.98 30.00 8.18
N PRO C 505 -3.02 29.32 7.00
CA PRO C 505 -1.77 28.88 6.42
C PRO C 505 -0.75 29.99 6.19
N ALA C 506 -1.19 31.12 5.64
CA ALA C 506 -0.30 32.27 5.42
C ALA C 506 0.17 32.82 6.77
N LYS C 507 -0.72 32.93 7.74
CA LYS C 507 -0.36 33.49 9.07
CA LYS C 507 -0.37 33.48 9.08
C LYS C 507 0.75 32.66 9.72
N LEU C 508 0.69 31.33 9.60
CA LEU C 508 1.67 30.44 10.27
C LEU C 508 2.84 30.09 9.37
N GLY C 509 2.81 30.49 8.11
CA GLY C 509 3.87 30.18 7.15
C GLY C 509 3.87 28.71 6.75
N LEU C 510 2.70 28.07 6.67
CA LEU C 510 2.61 26.65 6.26
C LEU C 510 2.89 26.55 4.76
N LYS C 511 3.80 25.66 4.38
CA LYS C 511 4.15 25.45 2.96
C LYS C 511 3.57 24.17 2.42
N ARG C 512 3.02 23.32 3.28
CA ARG C 512 2.40 22.07 2.82
C ARG C 512 1.19 22.35 1.96
N ARG C 513 0.84 21.38 1.13
CA ARG C 513 -0.45 21.41 0.43
CA ARG C 513 -0.44 21.47 0.44
C ARG C 513 -1.53 21.55 1.49
N ILE C 514 -2.51 22.39 1.24
CA ILE C 514 -3.65 22.56 2.19
C ILE C 514 -4.87 21.86 1.64
N GLY C 515 -5.39 20.91 2.40
CA GLY C 515 -6.60 20.19 2.05
C GLY C 515 -7.77 20.73 2.80
N THR C 516 -8.92 20.83 2.16
CA THR C 516 -10.16 21.31 2.79
C THR C 516 -10.98 20.13 3.30
N VAL C 517 -11.37 20.15 4.56
CA VAL C 517 -12.35 19.22 5.12
C VAL C 517 -13.75 19.68 4.71
N LYS C 518 -14.55 18.79 4.17
CA LYS C 518 -15.90 19.19 3.73
C LYS C 518 -16.78 17.96 3.57
N ASN C 519 -18.08 18.17 3.57
CA ASN C 519 -19.12 17.16 3.29
C ASN C 519 -19.05 16.05 4.35
N CYS C 520 -18.99 16.45 5.63
CA CYS C 520 -18.92 15.54 6.80
C CYS C 520 -20.24 15.44 7.51
N ARG C 521 -21.22 16.31 7.23
CA ARG C 521 -22.39 16.42 8.13
C ARG C 521 -23.64 15.82 7.47
N ASN C 522 -23.66 15.55 6.18
N ASN C 522 -23.52 15.48 6.19
CA ASN C 522 -24.86 14.92 5.55
CA ASN C 522 -24.62 15.06 5.25
C ASN C 522 -24.38 13.62 4.90
C ASN C 522 -24.70 13.51 5.22
N ILE C 523 -23.65 12.86 5.70
CA ILE C 523 -23.36 11.44 5.44
C ILE C 523 -23.93 10.62 6.59
N GLY C 524 -23.91 9.32 6.42
CA GLY C 524 -24.27 8.37 7.47
C GLY C 524 -23.68 7.00 7.18
N LYS C 525 -24.15 6.01 7.90
CA LYS C 525 -23.72 4.60 7.77
C LYS C 525 -23.89 4.16 6.31
N LYS C 526 -24.95 4.61 5.63
CA LYS C 526 -25.25 4.19 4.25
C LYS C 526 -24.11 4.59 3.31
N ASP C 527 -23.28 5.57 3.70
CA ASP C 527 -22.21 6.08 2.81
C ASP C 527 -20.92 5.29 3.03
N MET C 528 -20.90 4.36 3.97
CA MET C 528 -19.67 3.54 4.20
C MET C 528 -19.60 2.40 3.19
N LYS C 529 -18.60 2.45 2.31
CA LYS C 529 -18.49 1.52 1.17
C LYS C 529 -18.33 0.08 1.66
N TRP C 530 -19.21 -0.81 1.19
CA TRP C 530 -19.20 -2.28 1.51
C TRP C 530 -19.47 -2.54 3.00
N ASN C 531 -19.82 -1.50 3.79
CA ASN C 531 -19.91 -1.62 5.27
C ASN C 531 -21.05 -0.72 5.74
N ASP C 532 -22.22 -0.91 5.15
CA ASP C 532 -23.32 0.07 5.24
C ASP C 532 -24.51 -0.50 6.02
N VAL C 533 -24.28 -1.51 6.84
CA VAL C 533 -25.42 -2.25 7.48
C VAL C 533 -25.84 -1.51 8.75
N THR C 534 -27.15 -1.22 8.85
CA THR C 534 -27.78 -0.72 10.09
C THR C 534 -28.64 -1.85 10.63
N THR C 535 -28.71 -2.01 11.94
CA THR C 535 -29.43 -3.14 12.57
C THR C 535 -29.55 -2.83 14.06
N ASP C 536 -30.43 -3.50 14.75
CA ASP C 536 -30.54 -3.36 16.23
CA ASP C 536 -30.58 -3.38 16.23
C ASP C 536 -29.55 -4.32 16.89
N ILE C 537 -28.52 -3.77 17.51
CA ILE C 537 -27.50 -4.60 18.21
C ILE C 537 -27.93 -4.64 19.66
N ASP C 538 -28.21 -5.84 20.18
CA ASP C 538 -28.57 -6.01 21.60
C ASP C 538 -27.36 -6.52 22.39
N ILE C 539 -26.97 -5.83 23.45
CA ILE C 539 -25.90 -6.31 24.35
C ILE C 539 -26.49 -6.59 25.73
N ASN C 540 -26.49 -7.86 26.11
CA ASN C 540 -27.16 -8.32 27.34
C ASN C 540 -26.40 -7.70 28.51
N PRO C 541 -27.04 -6.93 29.40
CA PRO C 541 -26.31 -6.28 30.48
C PRO C 541 -25.78 -7.23 31.56
N GLU C 542 -26.33 -8.44 31.64
CA GLU C 542 -25.91 -9.45 32.63
C GLU C 542 -24.78 -10.31 32.07
N THR C 543 -24.89 -10.79 30.83
CA THR C 543 -23.96 -11.79 30.23
C THR C 543 -23.00 -11.15 29.21
N TYR C 544 -23.29 -9.94 28.73
CA TYR C 544 -22.52 -9.20 27.69
C TYR C 544 -22.64 -9.87 26.32
N GLU C 545 -23.58 -10.81 26.21
N GLU C 545 -23.47 -10.91 26.19
CA GLU C 545 -23.91 -11.51 24.94
CA GLU C 545 -23.66 -11.57 24.88
C GLU C 545 -24.37 -10.49 23.88
C GLU C 545 -24.28 -10.54 23.92
N VAL C 546 -23.83 -10.55 22.67
CA VAL C 546 -24.24 -9.63 21.59
C VAL C 546 -25.18 -10.41 20.66
N LYS C 547 -26.33 -9.81 20.36
CA LYS C 547 -27.30 -10.39 19.41
C LYS C 547 -27.61 -9.41 18.30
N VAL C 548 -27.71 -9.93 17.09
CA VAL C 548 -28.17 -9.23 15.87
C VAL C 548 -29.16 -10.17 15.17
N ASP C 549 -30.37 -9.68 14.87
CA ASP C 549 -31.44 -10.47 14.21
C ASP C 549 -31.72 -11.74 15.04
N GLY C 550 -31.71 -11.59 16.36
CA GLY C 550 -32.08 -12.64 17.33
C GLY C 550 -31.03 -13.72 17.49
N GLU C 551 -29.86 -13.59 16.86
CA GLU C 551 -28.77 -14.60 16.86
C GLU C 551 -27.62 -14.07 17.72
N VAL C 552 -27.10 -14.89 18.62
CA VAL C 552 -25.88 -14.57 19.39
C VAL C 552 -24.72 -14.53 18.42
N LEU C 553 -23.90 -13.49 18.50
CA LEU C 553 -22.67 -13.39 17.70
C LEU C 553 -21.50 -13.80 18.60
N THR C 554 -20.94 -14.98 18.34
CA THR C 554 -19.79 -15.49 19.10
C THR C 554 -18.89 -16.27 18.17
N CYS C 555 -17.61 -16.24 18.48
CA CYS C 555 -16.60 -17.02 17.77
C CYS C 555 -15.48 -17.29 18.77
N GLU C 556 -14.64 -18.23 18.41
CA GLU C 556 -13.50 -18.63 19.28
C GLU C 556 -12.32 -17.71 19.02
N PRO C 557 -11.47 -17.54 20.05
CA PRO C 557 -10.16 -16.92 19.85
C PRO C 557 -9.21 -17.92 19.17
N VAL C 558 -8.28 -17.42 18.36
CA VAL C 558 -7.31 -18.31 17.67
C VAL C 558 -5.97 -18.27 18.41
N LYS C 559 -5.23 -19.37 18.31
CA LYS C 559 -3.91 -19.55 18.96
C LYS C 559 -2.82 -19.00 18.04
N GLU C 560 -3.06 -18.92 16.74
CA GLU C 560 -2.04 -18.47 15.78
C GLU C 560 -2.68 -17.53 14.76
N LEU C 561 -1.91 -16.59 14.26
CA LEU C 561 -2.32 -15.72 13.13
C LEU C 561 -1.31 -15.84 12.02
N PRO C 562 -1.74 -15.60 10.76
CA PRO C 562 -0.82 -15.34 9.67
C PRO C 562 -0.24 -13.94 9.91
N MET C 563 0.71 -13.55 9.07
CA MET C 563 1.23 -12.16 9.07
C MET C 563 1.84 -11.86 10.45
N ALA C 564 2.51 -12.86 11.03
CA ALA C 564 3.06 -12.80 12.40
C ALA C 564 4.46 -13.41 12.41
N GLN C 565 4.69 -14.54 13.04
CA GLN C 565 6.08 -14.99 13.31
C GLN C 565 6.86 -15.37 12.05
N ARG C 566 6.24 -15.61 10.91
CA ARG C 566 7.02 -15.83 9.68
C ARG C 566 7.82 -14.57 9.28
N TYR C 567 7.38 -13.37 9.66
CA TYR C 567 7.83 -12.08 9.09
C TYR C 567 8.69 -11.24 10.04
N PHE C 568 8.41 -11.26 11.33
CA PHE C 568 8.93 -10.29 12.29
C PHE C 568 10.14 -10.81 13.06
N LEU C 569 11.14 -9.95 13.19
CA LEU C 569 12.37 -10.30 13.89
C LEU C 569 12.15 -10.25 15.39
N PHE C 570 11.16 -9.49 15.86
CA PHE C 570 10.75 -9.46 17.27
C PHE C 570 9.25 -9.48 17.39
C1 EDO D . 15.08 -21.91 -11.27
O1 EDO D . 15.30 -23.23 -10.75
C2 EDO D . 14.67 -21.01 -10.13
O2 EDO D . 15.21 -19.70 -10.31
C1 EDO E . 31.41 -1.73 4.27
O1 EDO E . 30.78 -1.94 2.95
C2 EDO E . 32.77 -0.98 4.18
O2 EDO E . 32.77 0.31 3.46
C1 EDO F . 14.01 -11.86 -1.45
O1 EDO F . 14.13 -12.90 -2.49
C2 EDO F . 14.52 -12.36 0.00
O2 EDO F . 15.82 -11.93 0.54
C1 EDO G . 39.95 -13.45 -2.55
O1 EDO G . 38.53 -13.26 -2.49
C2 EDO G . 40.61 -12.38 -3.47
O2 EDO G . 41.97 -12.70 -3.63
C1 EDO H . 14.26 -19.33 -37.67
O1 EDO H . 15.08 -19.32 -38.87
C2 EDO H . 15.15 -19.19 -36.45
O2 EDO H . 14.54 -19.72 -35.27
C1 EDO I . 19.21 10.72 -36.99
O1 EDO I . 18.68 11.61 -37.97
C2 EDO I . 20.69 10.78 -37.15
O2 EDO I . 21.18 11.78 -36.29
S SO4 J . 11.94 -13.07 -47.37
O1 SO4 J . 10.60 -13.58 -47.42
O2 SO4 J . 11.91 -11.62 -47.41
O3 SO4 J . 12.56 -13.47 -46.14
O4 SO4 J . 12.71 -13.60 -48.48
S SO4 K . 13.34 14.23 -46.38
O1 SO4 K . 11.97 14.57 -46.09
O2 SO4 K . 13.76 14.97 -47.53
O3 SO4 K . 14.17 14.57 -45.25
O4 SO4 K . 13.47 12.82 -46.66
NI NI L . -10.52 6.35 23.38
NI NI M . -7.34 7.07 21.64
O OH N . -8.64 5.82 22.76
C1 EDO O . -9.34 16.80 -5.63
O1 EDO O . -9.21 17.24 -7.00
C2 EDO O . -9.84 17.97 -4.76
O2 EDO O . -11.26 18.14 -4.90
C1 EDO P . -13.44 24.54 -0.85
O1 EDO P . -14.18 24.57 0.37
C2 EDO P . -12.31 23.53 -0.97
O2 EDO P . -12.67 22.25 -1.56
C1 EDO Q . -13.74 2.18 -18.53
O1 EDO Q . -13.57 1.96 -17.13
C2 EDO Q . -14.80 1.21 -19.01
O2 EDO Q . -14.72 -0.01 -18.24
C1 EDO R . -19.03 31.20 18.29
O1 EDO R . -17.78 31.86 18.52
C2 EDO R . -20.30 31.53 19.15
O2 EDO R . -20.17 31.96 20.53
C1 EDO S . -4.68 19.76 -1.63
O1 EDO S . -3.76 18.96 -2.45
C2 EDO S . -5.41 20.82 -2.42
O2 EDO S . -6.37 20.30 -3.43
C1 EDO T . -7.46 7.49 32.11
O1 EDO T . -7.25 7.50 30.67
C2 EDO T . -6.24 7.26 33.01
O2 EDO T . -6.63 7.57 34.35
C1 EDO U . 5.59 32.98 9.12
O1 EDO U . 6.67 32.60 8.25
C2 EDO U . 5.97 32.74 10.57
O2 EDO U . 4.86 33.01 11.46
C1 EDO V . 9.90 12.51 12.68
O1 EDO V . 11.17 11.94 12.89
C2 EDO V . 10.20 13.96 12.30
O2 EDO V . 10.07 14.09 10.88
C1 EDO W . -10.55 2.97 -15.16
O1 EDO W . -10.57 4.39 -15.22
C2 EDO W . -10.81 2.47 -13.72
O2 EDO W . -12.11 2.86 -13.26
C1 EDO X . -8.07 -8.74 -21.09
O1 EDO X . -9.40 -8.27 -21.18
C2 EDO X . -7.12 -7.79 -21.83
O2 EDO X . -7.57 -7.62 -23.18
C1 EDO Y . 8.49 -8.20 -19.83
O1 EDO Y . 9.23 -7.07 -19.37
C2 EDO Y . 9.30 -9.07 -20.70
O2 EDO Y . 10.36 -9.56 -19.88
C1 EDO Z . -10.95 3.91 36.84
O1 EDO Z . -9.69 4.33 36.27
C2 EDO Z . -12.01 4.32 35.83
O2 EDO Z . -12.03 5.76 35.62
C1 EDO AA . -28.53 -2.26 23.55
O1 EDO AA . -28.09 -3.31 24.33
C2 EDO AA . -27.84 -1.00 24.01
O2 EDO AA . -28.09 -0.69 25.39
C1 EDO BA . -32.44 6.31 14.98
O1 EDO BA . -32.97 5.10 14.43
C2 EDO BA . -31.15 5.82 15.63
O2 EDO BA . -30.06 6.77 15.56
S SO4 CA . -17.78 22.89 -2.97
O1 SO4 CA . -18.95 23.40 -3.67
O2 SO4 CA . -16.62 23.56 -3.45
O3 SO4 CA . -17.92 23.11 -1.56
O4 SO4 CA . -17.66 21.47 -3.19
S SO4 DA . -9.04 5.45 28.50
O1 SO4 DA . -10.39 5.43 29.08
O2 SO4 DA . -8.57 6.78 28.33
O3 SO4 DA . -8.13 4.68 29.31
O4 SO4 DA . -9.03 4.81 27.18
S SO4 EA . -23.14 30.32 23.81
O1 SO4 EA . -24.32 30.10 23.01
O2 SO4 EA . -22.44 31.47 23.30
O3 SO4 EA . -23.47 30.48 25.22
O4 SO4 EA . -22.32 29.19 23.69
S SO4 FA . -5.91 -21.87 15.78
O1 SO4 FA . -6.94 -21.90 14.76
O2 SO4 FA . -4.97 -20.80 15.36
O3 SO4 FA . -6.56 -21.65 17.10
O4 SO4 FA . -5.22 -23.13 15.84
#